data_3ZJG
#
_entry.id   3ZJG
#
_cell.length_a   43.800
_cell.length_b   69.170
_cell.length_c   85.000
_cell.angle_alpha   98.57
_cell.angle_beta   100.51
_cell.angle_gamma   97.10
#
_symmetry.space_group_name_H-M   'P 1'
#
loop_
_entity.id
_entity.type
_entity.pdbx_description
1 polymer 'TUMOR NECROSIS FACTOR ALPHA-INDUCED PROTEIN 3'
2 polymer 'TUMOR NECROSIS FACTOR ALPHA-INDUCED PROTEIN 3'
3 non-polymer 'CHLORIDE ION'
4 water water
#
loop_
_entity_poly.entity_id
_entity_poly.type
_entity_poly.pdbx_seq_one_letter_code
_entity_poly.pdbx_strand_id
1 'polypeptide(L)'
;MAEQVLPQALYLSNMRKAVKIRERTPEDIFKPTNGIIHHFKTMHRYTLEMFRTCQFCPQFREIIHKALIDRNIQATLESQ
KKLNWCREVRKLVALKTNGDGN(CSD)LMHATSQYMWSVQDTDLVLRKALFSTLKETDTRNFKFRWQLESLKSQEFVETG
LCYDTRNWNDEWDNLIKMASTDTPMARSGLQYNSLEEIHIFVLCNILRRPIIVISDKMLRSLESGSNFAPLKVGGIYLPL
HWPAQECYRYPIVLGYDSHHFVPLVTLKDSGPEIRAVPLVNRDRGRFEDLKVHFLTDPENEMKEKLLKEYLMVIEIPVQG
WDHGTTHLINAAKLDEANLPKEINLVDDYFELVQHEYKKWQENSEQGRRE
;
A
2 'polypeptide(L)'
;MAEQVLPQALYLSNMRKAVKIRERTPEDIFKPTNGIIHHFKTMHRYTLEMFRTCQFCPQFREIIHKALIDRNIQATLESQ
KKLNWCREVRKLVALKTNGDGN(OCS)LMHATSQYMWSVQDTDLVLRKALFSTLKETDTRNFKFRWQLESLKSQEFVETG
LCYDTRNWNDEWDNLIKMASTDTPMARSGLQYNSLEEIHIFVLCNILRRPIIVISDKMLRSLESGSNFAPLKVGGIYLPL
HWPAQECYRYPIVLGYDSHHFVPLVTLKDSGPEIRAVPLVNRDRGRFEDLKVHFLTDPENEMKEKLLKEYLMVIEIPVQG
WDHGTTHLINAAKLDEANLPKEINLVDDYFELVQHEYKKWQENSEQGRRE
;
B
#
loop_
_chem_comp.id
_chem_comp.type
_chem_comp.name
_chem_comp.formula
CL non-polymer 'CHLORIDE ION' 'Cl -1'
#
# COMPACT_ATOMS: atom_id res chain seq x y z
N LEU A 6 2.88 9.86 5.27
CA LEU A 6 2.21 9.83 3.96
C LEU A 6 3.06 9.09 2.93
N PRO A 7 2.43 8.27 2.07
CA PRO A 7 3.25 7.45 1.17
C PRO A 7 3.94 8.35 0.18
N GLN A 8 5.10 7.95 -0.33
CA GLN A 8 5.82 8.79 -1.28
C GLN A 8 5.24 8.74 -2.72
N ALA A 9 4.50 7.70 -3.07
CA ALA A 9 3.81 7.73 -4.35
C ALA A 9 2.36 7.30 -4.18
N LEU A 10 1.54 7.61 -5.17
CA LEU A 10 0.12 7.30 -5.09
C LEU A 10 -0.17 5.85 -4.86
N TYR A 11 0.51 4.96 -5.58
CA TYR A 11 0.12 3.56 -5.49
C TYR A 11 0.52 2.89 -4.20
N LEU A 12 1.46 3.48 -3.48
CA LEU A 12 1.83 2.88 -2.23
C LEU A 12 0.65 2.99 -1.25
N SER A 13 -0.43 3.66 -1.64
CA SER A 13 -1.52 3.89 -0.70
C SER A 13 -2.41 2.65 -0.51
N ASN A 14 -2.49 1.80 -1.51
CA ASN A 14 -3.24 0.54 -1.40
C ASN A 14 -2.75 -0.42 -2.49
N MET A 15 -1.59 -1.05 -2.24
CA MET A 15 -1.01 -1.96 -3.22
C MET A 15 -1.98 -3.10 -3.61
N ARG A 16 -2.73 -3.63 -2.65
CA ARG A 16 -3.71 -4.68 -2.93
C ARG A 16 -4.81 -4.21 -3.91
N LYS A 17 -5.34 -3.02 -3.68
CA LYS A 17 -6.38 -2.49 -4.59
C LYS A 17 -5.82 -2.23 -6.02
N ALA A 18 -4.59 -1.76 -6.12
CA ALA A 18 -3.97 -1.55 -7.42
C ALA A 18 -3.97 -2.83 -8.26
N VAL A 19 -3.49 -3.90 -7.67
CA VAL A 19 -3.57 -5.20 -8.30
C VAL A 19 -4.99 -5.61 -8.71
N LYS A 20 -5.98 -5.43 -7.83
CA LYS A 20 -7.36 -5.78 -8.14
C LYS A 20 -7.72 -5.02 -9.40
N ILE A 21 -7.44 -3.72 -9.40
CA ILE A 21 -7.83 -2.88 -10.55
C ILE A 21 -7.21 -3.43 -11.81
N ARG A 22 -5.89 -3.53 -11.82
CA ARG A 22 -5.19 -4.13 -12.94
C ARG A 22 -5.72 -5.51 -13.37
N GLU A 23 -5.96 -6.41 -12.44
CA GLU A 23 -6.53 -7.72 -12.78
C GLU A 23 -7.91 -7.63 -13.48
N ARG A 24 -8.63 -6.54 -13.31
CA ARG A 24 -9.91 -6.39 -14.03
C ARG A 24 -9.78 -5.98 -15.52
N THR A 25 -8.74 -5.25 -15.82
CA THR A 25 -8.55 -4.68 -17.15
C THR A 25 -8.50 -5.69 -18.31
N PRO A 26 -7.64 -6.75 -18.25
CA PRO A 26 -7.61 -7.66 -19.42
C PRO A 26 -8.91 -8.43 -19.67
N GLU A 27 -9.68 -8.66 -18.60
CA GLU A 27 -10.98 -9.31 -18.71
C GLU A 27 -12.03 -8.40 -19.31
N ASP A 28 -11.75 -7.09 -19.38
CA ASP A 28 -12.75 -6.16 -19.93
C ASP A 28 -12.54 -5.95 -21.44
N ILE A 29 -11.49 -6.55 -22.01
CA ILE A 29 -11.21 -6.39 -23.43
C ILE A 29 -12.03 -7.37 -24.26
N PHE A 30 -12.64 -6.87 -25.33
CA PHE A 30 -13.41 -7.77 -26.19
C PHE A 30 -12.61 -7.94 -27.48
N LYS A 31 -12.37 -9.18 -27.86
CA LYS A 31 -11.59 -9.49 -29.06
C LYS A 31 -12.56 -9.96 -30.14
N PRO A 32 -12.78 -9.16 -31.18
CA PRO A 32 -13.73 -9.63 -32.21
C PRO A 32 -13.12 -10.64 -33.19
N THR A 33 -13.98 -11.40 -33.87
CA THR A 33 -13.50 -12.39 -34.83
C THR A 33 -13.69 -11.93 -36.29
N ASN A 34 -14.41 -10.84 -36.48
CA ASN A 34 -14.66 -10.33 -37.84
C ASN A 34 -13.66 -9.25 -38.26
N GLY A 35 -12.58 -9.11 -37.52
CA GLY A 35 -11.56 -8.14 -37.91
C GLY A 35 -11.62 -6.76 -37.26
N ILE A 36 -12.75 -6.48 -36.64
CA ILE A 36 -12.91 -5.24 -35.87
C ILE A 36 -11.94 -5.18 -34.71
N ILE A 37 -11.34 -4.01 -34.49
CA ILE A 37 -10.30 -3.87 -33.48
C ILE A 37 -10.75 -4.35 -32.09
N HIS A 38 -9.86 -4.97 -31.29
CA HIS A 38 -10.26 -5.28 -29.92
C HIS A 38 -10.36 -4.01 -29.09
N HIS A 39 -11.24 -4.03 -28.09
CA HIS A 39 -11.58 -2.78 -27.41
C HIS A 39 -12.17 -3.09 -26.03
N PHE A 40 -12.20 -2.09 -25.18
CA PHE A 40 -12.73 -2.22 -23.82
C PHE A 40 -14.24 -2.18 -23.80
N LYS A 41 -14.84 -3.08 -23.02
CA LYS A 41 -16.28 -3.11 -22.94
C LYS A 41 -16.88 -2.07 -22.00
N THR A 42 -16.25 -1.84 -20.87
CA THR A 42 -16.88 -0.96 -19.89
C THR A 42 -15.89 0.04 -19.26
N MET A 43 -14.63 -0.35 -19.08
CA MET A 43 -13.73 0.41 -18.19
C MET A 43 -13.22 1.69 -18.82
N HIS A 44 -13.49 1.88 -20.12
CA HIS A 44 -12.99 3.04 -20.83
C HIS A 44 -13.76 4.27 -20.42
N ARG A 45 -14.88 4.06 -19.76
CA ARG A 45 -15.76 5.15 -19.34
C ARG A 45 -15.39 5.79 -18.00
N TYR A 46 -14.40 5.23 -17.29
CA TYR A 46 -14.05 5.72 -15.98
C TYR A 46 -13.13 6.94 -16.05
N THR A 47 -13.23 7.80 -15.06
CA THR A 47 -12.39 9.03 -15.05
C THR A 47 -12.11 9.35 -13.60
N LEU A 48 -10.86 9.73 -13.33
CA LEU A 48 -10.33 10.02 -11.99
C LEU A 48 -10.38 11.55 -11.80
N GLU A 49 -10.68 12.03 -10.60
CA GLU A 49 -10.44 13.46 -10.28
C GLU A 49 -9.49 13.57 -9.10
N MET A 50 -8.69 14.63 -9.08
CA MET A 50 -7.75 14.80 -7.96
C MET A 50 -8.40 15.59 -6.85
N PHE A 51 -8.01 15.37 -5.58
CA PHE A 51 -8.57 16.10 -4.44
C PHE A 51 -7.84 17.44 -4.18
N ARG A 52 -8.52 18.38 -3.53
CA ARG A 52 -7.92 19.69 -3.18
C ARG A 52 -6.98 19.60 -1.97
N THR A 53 -5.92 20.42 -1.97
CA THR A 53 -4.98 20.51 -0.86
C THR A 53 -4.79 21.95 -0.41
N CYS A 54 -5.86 22.73 -0.50
CA CYS A 54 -5.81 24.10 0.01
C CYS A 54 -6.28 24.11 1.46
N GLN A 55 -6.84 22.98 1.91
CA GLN A 55 -7.33 22.94 3.28
C GLN A 55 -6.21 22.57 4.26
N PHE A 56 -4.99 22.42 3.74
CA PHE A 56 -3.82 22.05 4.53
C PHE A 56 -2.80 23.18 4.65
N CYS A 57 -1.90 23.02 5.61
CA CYS A 57 -0.81 23.97 5.81
C CYS A 57 0.36 23.66 4.87
N PRO A 58 1.02 24.70 4.34
CA PRO A 58 2.08 24.64 3.31
C PRO A 58 3.07 23.48 3.45
N GLN A 59 3.57 23.22 4.66
CA GLN A 59 4.53 22.14 4.85
C GLN A 59 3.91 20.79 4.46
N PHE A 60 2.61 20.66 4.74
CA PHE A 60 1.83 19.46 4.39
C PHE A 60 1.51 19.42 2.89
N ARG A 61 1.01 20.55 2.38
CA ARG A 61 0.82 20.71 0.97
C ARG A 61 2.06 20.22 0.22
N GLU A 62 3.21 20.66 0.69
CA GLU A 62 4.47 20.32 0.04
C GLU A 62 4.66 18.82 -0.07
N ILE A 63 4.36 18.09 1.01
CA ILE A 63 4.58 16.62 0.99
C ILE A 63 3.61 15.95 0.04
N ILE A 64 2.35 16.41 0.02
CA ILE A 64 1.37 15.84 -0.90
C ILE A 64 1.81 16.10 -2.34
N HIS A 65 2.24 17.33 -2.59
CA HIS A 65 2.68 17.70 -3.92
C HIS A 65 3.96 16.97 -4.37
N LYS A 66 4.88 16.64 -3.46
CA LYS A 66 6.12 15.96 -3.88
C LYS A 66 5.75 14.52 -4.18
N ALA A 67 4.74 14.04 -3.47
CA ALA A 67 4.29 12.68 -3.66
C ALA A 67 3.54 12.52 -4.96
N LEU A 68 2.60 13.42 -5.25
CA LEU A 68 1.69 13.11 -6.35
C LEU A 68 1.95 13.85 -7.63
N ILE A 69 2.38 15.11 -7.52
CA ILE A 69 2.24 16.03 -8.70
C ILE A 69 3.56 16.12 -9.43
N ASP A 70 3.58 16.01 -10.77
CA ASP A 70 4.79 16.33 -11.52
C ASP A 70 4.84 17.87 -11.69
N ARG A 71 5.50 18.54 -10.77
CA ARG A 71 5.54 20.00 -10.75
C ARG A 71 6.43 20.58 -11.84
N ASN A 72 7.40 19.80 -12.33
CA ASN A 72 8.20 20.24 -13.46
C ASN A 72 7.35 20.41 -14.69
N ILE A 73 6.60 19.37 -15.08
CA ILE A 73 5.82 19.50 -16.27
C ILE A 73 4.69 20.49 -16.08
N GLN A 74 4.15 20.57 -14.88
CA GLN A 74 2.99 21.44 -14.61
C GLN A 74 3.48 22.90 -14.85
N ALA A 75 4.63 23.18 -14.31
CA ALA A 75 5.22 24.52 -14.39
C ALA A 75 5.57 24.90 -15.85
N THR A 76 6.20 23.97 -16.56
CA THR A 76 6.49 24.16 -18.00
C THR A 76 5.27 24.47 -18.83
N LEU A 77 4.22 23.65 -18.74
CA LEU A 77 3.02 23.90 -19.54
C LEU A 77 2.26 25.16 -19.12
N GLU A 78 2.22 25.47 -17.82
CA GLU A 78 1.51 26.67 -17.43
C GLU A 78 2.31 27.90 -17.92
N SER A 79 3.65 27.85 -17.82
CA SER A 79 4.47 29.03 -18.17
C SER A 79 4.41 29.38 -19.67
N GLN A 80 4.08 28.41 -20.50
CA GLN A 80 3.77 28.67 -21.93
C GLN A 80 2.34 29.07 -22.26
N LYS A 81 1.53 29.26 -21.23
CA LYS A 81 0.09 29.48 -21.41
C LYS A 81 -0.56 28.33 -22.18
N LYS A 82 -0.07 27.09 -22.04
CA LYS A 82 -0.70 25.93 -22.69
C LYS A 82 -1.66 25.20 -21.71
N LEU A 83 -1.45 25.40 -20.42
CA LEU A 83 -2.23 24.65 -19.44
C LEU A 83 -2.77 25.62 -18.44
N ASN A 84 -4.07 25.49 -18.12
CA ASN A 84 -4.67 26.32 -17.08
C ASN A 84 -4.59 27.85 -17.39
N TRP A 85 -4.81 28.19 -18.66
CA TRP A 85 -4.75 29.60 -19.08
C TRP A 85 -6.12 30.25 -19.14
N CYS A 86 -7.13 29.44 -18.95
N CYS A 86 -7.17 29.44 -19.08
CA CYS A 86 -8.49 29.91 -19.07
CA CYS A 86 -8.53 29.98 -19.11
C CYS A 86 -9.15 30.24 -17.74
C CYS A 86 -9.10 30.27 -17.75
N ARG A 87 -9.53 31.50 -17.56
CA ARG A 87 -10.05 31.93 -16.28
C ARG A 87 -11.36 31.24 -15.97
N GLU A 88 -12.11 30.90 -17.01
CA GLU A 88 -13.45 30.32 -16.76
C GLU A 88 -13.38 28.84 -16.34
N VAL A 89 -12.22 28.22 -16.49
CA VAL A 89 -12.23 26.76 -16.41
C VAL A 89 -11.44 26.15 -15.22
N ARG A 90 -11.94 25.02 -14.70
CA ARG A 90 -11.32 24.25 -13.61
C ARG A 90 -9.87 23.91 -13.90
N LYS A 91 -9.03 23.95 -12.86
CA LYS A 91 -7.59 23.67 -12.98
C LYS A 91 -7.35 22.18 -13.27
N LEU A 92 -6.38 21.85 -14.12
CA LEU A 92 -5.93 20.47 -14.30
C LEU A 92 -4.55 20.28 -13.62
N VAL A 93 -4.30 19.11 -13.04
N VAL A 93 -4.28 19.08 -13.13
CA VAL A 93 -2.98 18.89 -12.42
CA VAL A 93 -3.01 18.84 -12.44
C VAL A 93 -2.29 17.65 -13.02
C VAL A 93 -2.29 17.61 -13.00
N ALA A 94 -0.97 17.71 -13.15
CA ALA A 94 -0.18 16.60 -13.74
C ALA A 94 0.23 15.61 -12.65
N LEU A 95 -0.10 14.33 -12.80
CA LEU A 95 0.37 13.31 -11.83
C LEU A 95 1.69 12.70 -12.31
N LYS A 96 2.56 12.35 -11.36
CA LYS A 96 3.79 11.64 -11.67
C LYS A 96 3.47 10.31 -12.33
N THR A 97 4.32 9.94 -13.28
CA THR A 97 4.14 8.77 -14.12
C THR A 97 5.55 8.22 -14.28
N ASN A 98 5.72 6.91 -14.23
CA ASN A 98 7.05 6.31 -14.40
C ASN A 98 7.59 6.59 -15.80
N GLY A 99 8.83 7.02 -15.89
CA GLY A 99 9.39 7.30 -17.21
C GLY A 99 10.19 6.17 -17.80
N ASP A 100 9.54 5.08 -18.18
CA ASP A 100 10.25 3.86 -18.59
C ASP A 100 10.06 3.48 -20.06
N GLY A 101 9.55 4.41 -20.86
CA GLY A 101 9.19 4.15 -22.27
C GLY A 101 7.79 3.60 -22.45
N ASN A 102 7.17 3.23 -21.32
CA ASN A 102 5.76 2.89 -21.40
C ASN A 102 4.86 3.99 -20.86
N CSD A 103 5.40 5.20 -20.71
CA CSD A 103 4.65 6.25 -20.04
CB CSD A 103 5.57 7.46 -19.67
SG CSD A 103 6.43 8.03 -21.07
C CSD A 103 3.34 6.69 -20.76
O CSD A 103 2.36 7.22 -20.17
OD1 CSD A 103 7.16 9.15 -20.72
OD2 CSD A 103 7.33 6.92 -21.18
N LEU A 104 3.29 6.51 -22.09
CA LEU A 104 2.01 6.82 -22.79
C LEU A 104 0.92 5.99 -22.16
N MET A 105 1.22 4.69 -21.93
CA MET A 105 0.21 3.81 -21.36
C MET A 105 0.01 4.07 -19.87
N HIS A 106 1.09 4.30 -19.13
CA HIS A 106 0.97 4.60 -17.69
C HIS A 106 0.09 5.84 -17.49
N ALA A 107 0.28 6.88 -18.30
CA ALA A 107 -0.46 8.14 -18.08
C ALA A 107 -1.93 7.94 -18.45
N THR A 108 -2.18 7.26 -19.57
CA THR A 108 -3.54 6.95 -20.03
C THR A 108 -4.21 6.08 -19.01
N SER A 109 -3.55 4.99 -18.58
CA SER A 109 -4.13 4.16 -17.54
C SER A 109 -4.43 4.95 -16.23
N GLN A 110 -3.55 5.85 -15.80
CA GLN A 110 -3.83 6.54 -14.53
C GLN A 110 -5.03 7.48 -14.66
N TYR A 111 -5.21 8.04 -15.84
CA TYR A 111 -6.29 9.06 -16.05
C TYR A 111 -7.65 8.42 -15.80
N MET A 112 -7.75 7.17 -16.25
CA MET A 112 -9.04 6.45 -16.14
C MET A 112 -9.15 5.72 -14.82
N TRP A 113 -8.06 5.07 -14.40
CA TRP A 113 -8.11 4.01 -13.38
C TRP A 113 -7.25 4.24 -12.11
N SER A 114 -6.51 5.36 -12.07
CA SER A 114 -5.62 5.69 -10.95
C SER A 114 -4.43 4.75 -10.75
N VAL A 115 -4.26 3.76 -11.63
CA VAL A 115 -3.07 2.87 -11.63
C VAL A 115 -2.26 3.00 -12.92
N GLN A 116 -0.97 2.70 -12.87
CA GLN A 116 -0.19 2.76 -14.11
C GLN A 116 -0.30 1.40 -14.82
N ASP A 117 0.31 1.29 -16.01
CA ASP A 117 0.21 0.09 -16.85
C ASP A 117 1.28 -0.95 -16.53
N THR A 118 1.40 -1.28 -15.26
CA THR A 118 2.56 -2.03 -14.86
C THR A 118 2.42 -3.51 -15.16
N ASP A 119 1.20 -3.96 -15.52
CA ASP A 119 1.09 -5.30 -16.11
C ASP A 119 1.18 -5.28 -17.63
N LEU A 120 1.38 -4.11 -18.23
CA LEU A 120 1.58 -4.03 -19.69
C LEU A 120 0.31 -4.37 -20.47
N VAL A 121 -0.85 -4.24 -19.84
CA VAL A 121 -2.08 -4.65 -20.52
C VAL A 121 -2.34 -3.75 -21.76
N LEU A 122 -2.19 -2.45 -21.56
CA LEU A 122 -2.48 -1.53 -22.64
C LEU A 122 -1.43 -1.65 -23.72
N ARG A 123 -0.17 -1.79 -23.31
CA ARG A 123 0.96 -1.88 -24.22
C ARG A 123 0.81 -3.11 -25.11
N LYS A 124 0.53 -4.26 -24.49
CA LYS A 124 0.23 -5.51 -25.23
C LYS A 124 -0.96 -5.40 -26.19
N ALA A 125 -1.99 -4.67 -25.80
CA ALA A 125 -3.18 -4.51 -26.66
C ALA A 125 -2.82 -3.67 -27.91
N LEU A 126 -2.03 -2.60 -27.71
CA LEU A 126 -1.53 -1.83 -28.86
C LEU A 126 -0.70 -2.73 -29.79
N PHE A 127 0.24 -3.51 -29.24
CA PHE A 127 1.12 -4.28 -30.09
C PHE A 127 0.29 -5.37 -30.78
N SER A 128 -0.64 -5.95 -30.03
CA SER A 128 -1.51 -6.97 -30.59
C SER A 128 -2.31 -6.46 -31.82
N THR A 129 -2.90 -5.27 -31.72
CA THR A 129 -3.67 -4.74 -32.86
C THR A 129 -2.78 -4.54 -34.06
N LEU A 130 -1.59 -3.98 -33.80
CA LEU A 130 -0.64 -3.64 -34.84
C LEU A 130 -0.07 -4.86 -35.53
N LYS A 131 0.26 -5.88 -34.74
CA LYS A 131 0.89 -7.08 -35.28
C LYS A 131 -0.10 -8.04 -35.89
N GLU A 132 -1.26 -8.18 -35.28
CA GLU A 132 -2.09 -9.34 -35.63
C GLU A 132 -3.42 -9.05 -36.32
N THR A 133 -3.67 -7.80 -36.68
CA THR A 133 -4.83 -7.45 -37.52
C THR A 133 -4.33 -6.78 -38.80
N ASP A 134 -5.26 -6.46 -39.69
CA ASP A 134 -4.97 -5.64 -40.84
C ASP A 134 -5.08 -4.18 -40.44
N THR A 135 -4.06 -3.42 -40.83
CA THR A 135 -3.90 -2.08 -40.37
C THR A 135 -3.89 -1.13 -41.56
N ARG A 136 -4.47 -1.57 -42.68
CA ARG A 136 -4.39 -0.80 -43.93
C ARG A 136 -4.84 0.64 -43.81
N ASN A 137 -5.94 0.86 -43.12
CA ASN A 137 -6.41 2.21 -42.97
C ASN A 137 -5.49 3.05 -42.08
N PHE A 138 -5.01 2.47 -40.98
CA PHE A 138 -4.08 3.21 -40.11
C PHE A 138 -2.86 3.64 -40.92
N LYS A 139 -2.31 2.71 -41.71
CA LYS A 139 -1.17 3.02 -42.55
C LYS A 139 -1.45 4.17 -43.55
N PHE A 140 -2.59 4.10 -44.23
CA PHE A 140 -2.98 5.12 -45.19
C PHE A 140 -3.05 6.49 -44.48
N ARG A 141 -3.75 6.56 -43.36
CA ARG A 141 -3.86 7.82 -42.62
C ARG A 141 -2.51 8.37 -42.20
N TRP A 142 -1.63 7.45 -41.81
CA TRP A 142 -0.29 7.81 -41.35
C TRP A 142 0.57 8.35 -42.50
N GLN A 143 0.48 7.70 -43.67
CA GLN A 143 1.15 8.19 -44.87
C GLN A 143 0.72 9.61 -45.23
N LEU A 144 -0.57 9.88 -45.17
CA LEU A 144 -1.08 11.22 -45.44
C LEU A 144 -0.53 12.23 -44.43
N GLU A 145 -0.56 11.89 -43.14
CA GLU A 145 -0.02 12.80 -42.14
C GLU A 145 1.51 12.97 -42.31
N SER A 146 2.20 11.89 -42.67
CA SER A 146 3.64 11.95 -42.91
C SER A 146 4.00 12.89 -44.03
N LEU A 147 3.20 12.92 -45.09
CA LEU A 147 3.49 13.79 -46.23
C LEU A 147 2.98 15.24 -46.07
N LYS A 148 2.16 15.51 -45.04
CA LYS A 148 1.70 16.86 -44.72
C LYS A 148 2.57 17.47 -43.64
N ASP A 160 14.54 13.89 -49.98
CA ASP A 160 14.72 12.63 -49.26
C ASP A 160 13.78 11.52 -49.76
N THR A 161 14.25 10.28 -49.70
CA THR A 161 13.47 9.13 -50.16
C THR A 161 12.88 8.36 -48.98
N ARG A 162 11.60 8.02 -49.07
CA ARG A 162 10.92 7.22 -48.04
C ARG A 162 10.64 5.76 -48.48
N ASN A 163 10.77 4.82 -47.53
CA ASN A 163 10.32 3.44 -47.74
C ASN A 163 9.19 3.08 -46.76
N TRP A 164 7.95 3.08 -47.27
CA TRP A 164 6.79 3.03 -46.38
C TRP A 164 6.79 1.72 -45.61
N ASN A 165 7.07 0.62 -46.31
CA ASN A 165 7.02 -0.69 -45.67
C ASN A 165 8.05 -0.87 -44.57
N ASP A 166 9.29 -0.49 -44.85
CA ASP A 166 10.30 -0.46 -43.81
C ASP A 166 9.92 0.40 -42.60
N GLU A 167 9.41 1.62 -42.81
CA GLU A 167 9.05 2.48 -41.68
C GLU A 167 7.84 1.97 -40.90
N TRP A 168 6.82 1.47 -41.60
CA TRP A 168 5.65 0.90 -40.91
C TRP A 168 6.07 -0.29 -40.03
N ASP A 169 6.82 -1.22 -40.61
CA ASP A 169 7.37 -2.33 -39.82
C ASP A 169 8.10 -1.86 -38.57
N ASN A 170 8.91 -0.81 -38.67
CA ASN A 170 9.54 -0.26 -37.49
C ASN A 170 8.55 0.26 -36.45
N LEU A 171 7.48 0.96 -36.85
CA LEU A 171 6.51 1.49 -35.89
C LEU A 171 5.77 0.37 -35.15
N ILE A 172 5.50 -0.74 -35.85
CA ILE A 172 4.91 -1.89 -35.20
C ILE A 172 5.90 -2.44 -34.19
N LYS A 173 7.16 -2.54 -34.61
CA LYS A 173 8.22 -3.05 -33.71
C LYS A 173 8.38 -2.19 -32.45
N MET A 174 8.27 -0.87 -32.58
CA MET A 174 8.34 0.00 -31.41
C MET A 174 7.25 -0.30 -30.37
N ALA A 175 6.11 -0.80 -30.83
CA ALA A 175 4.98 -1.06 -29.94
C ALA A 175 5.22 -2.30 -29.07
N SER A 176 6.22 -3.09 -29.40
CA SER A 176 6.39 -4.36 -28.69
C SER A 176 6.84 -4.09 -27.25
N THR A 177 6.94 -5.14 -26.45
CA THR A 177 7.44 -5.02 -25.07
C THR A 177 8.92 -5.36 -25.01
N ASP A 178 9.55 -5.38 -26.19
CA ASP A 178 10.97 -5.63 -26.30
C ASP A 178 11.75 -4.50 -25.68
N THR A 179 12.75 -4.86 -24.89
CA THR A 179 13.67 -3.87 -24.40
C THR A 179 14.37 -3.32 -25.64
N PRO A 180 14.78 -2.04 -25.59
CA PRO A 180 15.46 -1.44 -26.75
C PRO A 180 16.98 -1.62 -26.67
N LEU A 186 16.08 3.40 -20.83
CA LEU A 186 14.69 3.07 -21.14
C LEU A 186 14.42 1.55 -21.25
N GLN A 187 13.40 1.10 -20.53
CA GLN A 187 13.04 -0.31 -20.52
C GLN A 187 12.26 -0.71 -21.77
N TYR A 188 11.56 0.26 -22.35
CA TYR A 188 10.74 0.02 -23.52
C TYR A 188 10.99 1.10 -24.58
N ASN A 189 10.75 0.73 -25.85
CA ASN A 189 10.69 1.71 -26.92
C ASN A 189 9.69 2.82 -26.64
N SER A 190 10.10 4.05 -26.92
CA SER A 190 9.22 5.21 -26.94
C SER A 190 8.19 5.08 -28.07
N LEU A 191 7.01 5.65 -27.87
CA LEU A 191 5.89 5.57 -28.80
C LEU A 191 5.63 6.97 -29.38
N GLU A 192 4.95 7.05 -30.54
CA GLU A 192 4.73 8.37 -31.15
C GLU A 192 3.28 8.51 -31.60
N GLU A 193 3.00 9.47 -32.46
CA GLU A 193 1.59 9.82 -32.74
C GLU A 193 0.69 8.65 -33.17
N ILE A 194 1.13 7.84 -34.14
CA ILE A 194 0.24 6.77 -34.64
C ILE A 194 -0.17 5.78 -33.56
N HIS A 195 0.72 5.57 -32.60
CA HIS A 195 0.40 4.70 -31.49
C HIS A 195 -0.72 5.32 -30.64
N ILE A 196 -0.69 6.63 -30.44
CA ILE A 196 -1.80 7.27 -29.66
C ILE A 196 -3.12 7.13 -30.42
N PHE A 197 -3.05 7.21 -31.73
CA PHE A 197 -4.26 7.10 -32.58
C PHE A 197 -4.84 5.69 -32.49
N VAL A 198 -4.00 4.67 -32.57
CA VAL A 198 -4.53 3.31 -32.46
C VAL A 198 -5.12 3.09 -31.06
N LEU A 199 -4.38 3.55 -30.06
CA LEU A 199 -4.81 3.45 -28.65
C LEU A 199 -6.19 4.05 -28.42
N CYS A 200 -6.46 5.26 -28.94
CA CYS A 200 -7.78 5.86 -28.75
C CYS A 200 -8.89 5.07 -29.42
N ASN A 201 -8.56 4.35 -30.52
CA ASN A 201 -9.52 3.47 -31.13
C ASN A 201 -9.69 2.20 -30.34
N ILE A 202 -8.63 1.72 -29.67
CA ILE A 202 -8.79 0.58 -28.73
C ILE A 202 -9.64 0.96 -27.51
N LEU A 203 -9.53 2.21 -27.04
CA LEU A 203 -10.36 2.66 -25.90
C LEU A 203 -11.75 3.22 -26.34
N ARG A 204 -11.92 3.48 -27.63
CA ARG A 204 -13.18 4.10 -28.08
C ARG A 204 -13.40 5.42 -27.34
N ARG A 205 -12.33 6.20 -27.21
CA ARG A 205 -12.40 7.40 -26.37
C ARG A 205 -11.33 8.36 -26.89
N PRO A 206 -11.70 9.65 -27.12
CA PRO A 206 -10.70 10.58 -27.64
C PRO A 206 -9.53 10.84 -26.71
N ILE A 207 -8.33 11.16 -27.22
CA ILE A 207 -7.20 11.50 -26.35
C ILE A 207 -6.72 12.82 -26.83
N ILE A 208 -6.65 13.73 -25.90
CA ILE A 208 -6.13 15.10 -26.19
C ILE A 208 -4.80 15.28 -25.51
N VAL A 209 -3.75 15.64 -26.28
CA VAL A 209 -2.41 15.80 -25.71
C VAL A 209 -2.02 17.29 -25.70
N ILE A 210 -1.69 17.80 -24.52
CA ILE A 210 -1.18 19.18 -24.36
CA ILE A 210 -1.19 19.17 -24.34
C ILE A 210 0.33 19.10 -24.28
N SER A 211 1.04 19.55 -25.33
CA SER A 211 2.49 19.42 -25.27
C SER A 211 3.26 20.72 -25.26
N ASP A 212 4.48 20.62 -24.73
CA ASP A 212 5.51 21.59 -24.85
C ASP A 212 5.70 21.95 -26.32
N LYS A 213 5.96 23.21 -26.61
CA LYS A 213 6.06 23.57 -28.02
C LYS A 213 6.71 24.93 -28.12
N MET A 214 7.62 25.06 -29.05
N MET A 214 7.66 25.07 -29.03
CA MET A 214 8.40 26.26 -29.20
CA MET A 214 8.35 26.35 -29.21
C MET A 214 7.48 27.46 -29.67
C MET A 214 7.38 27.47 -29.59
N LEU A 215 7.72 28.69 -29.18
CA LEU A 215 6.82 29.82 -29.42
C LEU A 215 6.89 30.07 -30.90
N ARG A 216 5.72 30.27 -31.53
CA ARG A 216 5.65 30.46 -33.00
C ARG A 216 6.59 31.57 -33.49
N SER A 217 6.77 32.57 -32.66
CA SER A 217 7.66 33.67 -32.98
C SER A 217 9.10 33.21 -33.28
N LEU A 218 9.48 32.03 -32.78
CA LEU A 218 10.87 31.57 -32.90
C LEU A 218 11.14 30.58 -34.07
N LEU A 227 6.43 18.58 -29.49
CA LEU A 227 5.71 19.50 -30.40
C LEU A 227 4.50 18.86 -31.13
N LYS A 228 4.84 18.13 -32.22
CA LYS A 228 3.92 17.48 -33.15
C LYS A 228 3.02 16.40 -32.53
N VAL A 229 3.48 15.76 -31.45
N VAL A 229 3.52 15.75 -31.46
CA VAL A 229 2.63 14.84 -30.72
CA VAL A 229 2.71 14.88 -30.60
C VAL A 229 1.44 15.57 -30.02
C VAL A 229 1.46 15.57 -30.01
N GLY A 230 1.56 16.88 -29.79
CA GLY A 230 0.41 17.63 -29.24
C GLY A 230 -0.86 17.55 -30.13
N GLY A 231 -2.07 17.59 -29.57
CA GLY A 231 -3.27 17.69 -30.40
C GLY A 231 -4.37 16.67 -30.07
N ILE A 232 -5.25 16.43 -31.01
CA ILE A 232 -6.51 15.70 -30.75
C ILE A 232 -6.56 14.40 -31.52
N TYR A 233 -6.74 13.27 -30.81
CA TYR A 233 -6.74 11.96 -31.45
C TYR A 233 -8.15 11.41 -31.26
N LEU A 234 -8.90 11.19 -32.34
CA LEU A 234 -10.30 10.72 -32.31
C LEU A 234 -10.40 9.28 -32.76
N PRO A 235 -11.35 8.56 -32.21
CA PRO A 235 -11.52 7.12 -32.50
C PRO A 235 -12.34 6.92 -33.79
N LEU A 236 -11.80 7.36 -34.92
CA LEU A 236 -12.58 7.46 -36.13
C LEU A 236 -12.95 6.08 -36.75
N HIS A 237 -12.44 4.97 -36.19
CA HIS A 237 -12.79 3.63 -36.69
C HIS A 237 -14.08 3.13 -36.04
N TRP A 238 -14.63 4.00 -35.19
CA TRP A 238 -15.99 3.76 -34.69
C TRP A 238 -16.89 4.95 -34.96
N PRO A 239 -18.18 4.68 -35.11
CA PRO A 239 -19.14 5.77 -35.12
C PRO A 239 -19.15 6.45 -33.76
N ALA A 240 -19.33 7.76 -33.72
CA ALA A 240 -19.21 8.49 -32.46
C ALA A 240 -20.18 7.99 -31.41
N GLN A 241 -21.33 7.50 -31.86
CA GLN A 241 -22.38 7.12 -30.95
C GLN A 241 -21.92 5.89 -30.16
N GLU A 242 -20.86 5.24 -30.60
CA GLU A 242 -20.39 4.04 -29.90
C GLU A 242 -19.21 4.32 -29.02
N CYS A 243 -18.84 5.61 -28.91
CA CYS A 243 -17.62 6.02 -28.17
C CYS A 243 -17.94 6.87 -26.95
N TYR A 244 -17.02 6.92 -25.99
CA TYR A 244 -17.29 7.74 -24.84
C TYR A 244 -16.93 9.17 -25.25
N ARG A 245 -17.76 10.13 -24.87
CA ARG A 245 -17.60 11.45 -25.45
C ARG A 245 -16.90 12.45 -24.54
N TYR A 246 -16.24 12.00 -23.44
CA TYR A 246 -15.31 12.88 -22.71
C TYR A 246 -13.93 12.39 -22.98
N PRO A 247 -12.97 13.32 -23.12
CA PRO A 247 -11.65 12.88 -23.53
C PRO A 247 -10.83 12.41 -22.37
N ILE A 248 -9.74 11.74 -22.71
CA ILE A 248 -8.61 11.55 -21.81
C ILE A 248 -7.67 12.70 -22.13
N VAL A 249 -7.13 13.36 -21.10
CA VAL A 249 -6.21 14.51 -21.34
C VAL A 249 -4.84 14.20 -20.80
N LEU A 250 -3.80 14.31 -21.62
CA LEU A 250 -2.41 14.00 -21.20
C LEU A 250 -1.58 15.25 -21.46
N GLY A 251 -0.48 15.35 -20.73
CA GLY A 251 0.56 16.40 -20.96
C GLY A 251 1.78 15.71 -21.54
N TYR A 252 2.59 16.44 -22.31
CA TYR A 252 3.78 15.80 -22.91
C TYR A 252 4.91 16.83 -22.87
N ASP A 253 6.06 16.47 -22.32
CA ASP A 253 7.22 17.36 -22.28
C ASP A 253 8.46 16.56 -22.01
N SER A 254 9.56 16.98 -22.65
CA SER A 254 10.82 16.26 -22.48
C SER A 254 10.65 14.74 -22.73
N HIS A 255 9.90 14.37 -23.76
CA HIS A 255 9.69 12.97 -24.16
C HIS A 255 8.90 12.14 -23.16
N HIS A 256 8.21 12.82 -22.24
CA HIS A 256 7.52 12.14 -21.17
C HIS A 256 6.01 12.46 -21.16
N PHE A 257 5.14 11.45 -21.02
CA PHE A 257 3.65 11.70 -20.88
C PHE A 257 3.20 11.62 -19.43
N VAL A 258 2.22 12.46 -19.07
CA VAL A 258 1.57 12.43 -17.74
C VAL A 258 0.08 12.65 -17.97
N PRO A 259 -0.77 12.14 -17.06
CA PRO A 259 -2.19 12.52 -17.17
C PRO A 259 -2.39 13.91 -16.57
N LEU A 260 -3.29 14.69 -17.14
CA LEU A 260 -3.67 16.02 -16.61
C LEU A 260 -5.11 15.90 -16.08
N VAL A 261 -5.27 15.63 -14.79
N VAL A 261 -5.23 15.68 -14.78
CA VAL A 261 -6.59 15.30 -14.27
CA VAL A 261 -6.48 15.30 -14.16
C VAL A 261 -7.20 16.53 -13.69
C VAL A 261 -7.19 16.52 -13.63
N THR A 262 -8.52 16.54 -13.76
CA THR A 262 -9.25 17.67 -13.23
C THR A 262 -9.19 17.72 -11.73
N LEU A 263 -9.06 18.93 -11.20
CA LEU A 263 -9.08 19.17 -9.77
C LEU A 263 -10.54 19.26 -9.31
N LYS A 264 -10.86 18.56 -8.23
CA LYS A 264 -12.17 18.68 -7.62
C LYS A 264 -12.34 20.10 -7.10
N ASP A 265 -13.58 20.58 -7.09
CA ASP A 265 -13.86 21.97 -6.70
C ASP A 265 -15.35 22.21 -6.60
N SER A 266 -15.75 23.31 -5.95
CA SER A 266 -17.12 23.81 -6.05
C SER A 266 -17.34 24.44 -7.44
N GLY A 267 -18.41 25.24 -7.57
CA GLY A 267 -18.53 26.09 -8.73
C GLY A 267 -17.48 27.18 -8.60
N PRO A 268 -17.60 28.23 -9.41
CA PRO A 268 -18.56 28.19 -10.50
C PRO A 268 -17.87 27.73 -11.79
N GLU A 269 -16.53 27.68 -11.79
CA GLU A 269 -15.77 27.37 -13.00
C GLU A 269 -16.15 26.00 -13.57
N ILE A 270 -15.98 25.81 -14.87
CA ILE A 270 -16.55 24.63 -15.50
C ILE A 270 -15.47 23.66 -15.93
N ARG A 271 -15.80 22.37 -15.98
CA ARG A 271 -14.85 21.38 -16.44
C ARG A 271 -14.71 21.33 -17.95
N ALA A 272 -13.59 21.84 -18.47
CA ALA A 272 -13.35 21.74 -19.91
C ALA A 272 -11.92 21.88 -20.26
N VAL A 273 -11.57 21.48 -21.50
CA VAL A 273 -10.19 21.69 -21.98
C VAL A 273 -10.26 22.47 -23.28
N PRO A 274 -9.48 23.57 -23.42
CA PRO A 274 -9.63 24.35 -24.68
C PRO A 274 -9.18 23.52 -25.86
N LEU A 275 -9.78 23.79 -27.03
CA LEU A 275 -9.38 23.06 -28.25
C LEU A 275 -8.56 23.97 -29.16
N VAL A 276 -8.17 25.13 -28.65
CA VAL A 276 -7.26 25.95 -29.41
C VAL A 276 -6.19 26.46 -28.42
N ASN A 277 -5.05 26.94 -28.93
CA ASN A 277 -4.03 27.61 -28.12
C ASN A 277 -3.94 29.07 -28.45
N ARG A 278 -3.51 29.83 -27.46
CA ARG A 278 -3.17 31.21 -27.82
C ARG A 278 -1.99 31.26 -28.68
N ASP A 279 -2.01 32.14 -29.65
CA ASP A 279 -0.78 32.41 -30.33
C ASP A 279 -0.67 33.90 -30.52
N ARG A 280 0.07 34.54 -29.62
CA ARG A 280 0.20 36.00 -29.62
C ARG A 280 -1.21 36.62 -29.69
N GLY A 281 -1.48 37.46 -30.67
CA GLY A 281 -2.77 38.13 -30.72
C GLY A 281 -3.92 37.31 -31.37
N ARG A 282 -3.62 36.08 -31.76
CA ARG A 282 -4.63 35.20 -32.44
C ARG A 282 -4.75 33.86 -31.71
N PHE A 283 -5.49 32.89 -32.27
CA PHE A 283 -5.58 31.55 -31.65
C PHE A 283 -5.23 30.55 -32.70
N GLU A 284 -4.67 29.42 -32.30
CA GLU A 284 -4.20 28.38 -33.19
C GLU A 284 -4.91 27.09 -32.80
N ASP A 285 -5.70 26.50 -33.71
CA ASP A 285 -6.40 25.25 -33.39
C ASP A 285 -5.38 24.12 -33.04
N LEU A 286 -5.65 23.30 -32.02
CA LEU A 286 -4.86 22.07 -31.76
C LEU A 286 -4.93 21.21 -33.00
N LYS A 287 -3.86 20.52 -33.31
CA LYS A 287 -3.85 19.69 -34.52
C LYS A 287 -4.82 18.49 -34.30
N VAL A 288 -5.65 18.17 -35.30
CA VAL A 288 -6.46 16.94 -35.19
C VAL A 288 -5.72 15.91 -36.08
N HIS A 289 -5.28 14.80 -35.48
CA HIS A 289 -4.33 13.92 -36.17
C HIS A 289 -4.98 12.88 -37.07
N PHE A 290 -4.29 12.56 -38.17
CA PHE A 290 -4.60 11.40 -39.03
C PHE A 290 -5.98 11.43 -39.73
N LEU A 291 -6.40 12.63 -40.13
CA LEU A 291 -7.67 12.80 -40.85
C LEU A 291 -7.50 12.51 -42.31
N THR A 292 -8.57 12.09 -42.99
CA THR A 292 -8.52 12.01 -44.45
C THR A 292 -8.88 13.40 -44.90
N ASP A 293 -8.80 13.66 -46.19
CA ASP A 293 -9.06 15.02 -46.63
C ASP A 293 -10.51 15.49 -46.45
N PRO A 294 -11.51 14.62 -46.74
CA PRO A 294 -12.90 15.07 -46.49
C PRO A 294 -13.14 15.33 -44.98
N GLU A 295 -12.63 14.44 -44.13
CA GLU A 295 -12.74 14.66 -42.70
C GLU A 295 -12.13 15.99 -42.34
N ASN A 296 -10.99 16.30 -42.94
CA ASN A 296 -10.34 17.54 -42.54
C ASN A 296 -11.20 18.73 -43.02
N GLU A 297 -11.95 18.52 -44.08
CA GLU A 297 -12.84 19.58 -44.55
C GLU A 297 -13.99 19.85 -43.57
N MET A 298 -14.39 18.85 -42.79
CA MET A 298 -15.53 18.99 -41.91
C MET A 298 -15.10 18.77 -40.47
N LYS A 299 -13.92 19.27 -40.14
CA LYS A 299 -13.22 18.97 -38.92
C LYS A 299 -14.04 19.43 -37.75
N GLU A 300 -14.66 20.61 -37.88
CA GLU A 300 -15.40 21.18 -36.73
C GLU A 300 -16.65 20.32 -36.45
N LYS A 301 -17.33 19.95 -37.52
CA LYS A 301 -18.41 18.96 -37.47
C LYS A 301 -18.00 17.65 -36.82
N LEU A 302 -16.86 17.09 -37.26
CA LEU A 302 -16.33 15.85 -36.67
C LEU A 302 -16.03 15.96 -35.16
N LEU A 303 -15.30 17.00 -34.75
CA LEU A 303 -15.06 17.31 -33.35
C LEU A 303 -16.36 17.39 -32.56
N LYS A 304 -17.44 17.98 -33.14
CA LYS A 304 -18.69 18.07 -32.38
C LYS A 304 -19.40 16.73 -32.23
N GLU A 305 -19.07 15.77 -33.10
CA GLU A 305 -19.65 14.46 -32.99
C GLU A 305 -18.98 13.70 -31.82
N TYR A 306 -17.66 13.76 -31.77
CA TYR A 306 -16.91 12.90 -30.84
C TYR A 306 -16.66 13.51 -29.47
N LEU A 307 -16.90 14.82 -29.35
CA LEU A 307 -16.67 15.53 -28.10
C LEU A 307 -17.89 16.37 -27.82
N MET A 308 -17.99 16.90 -26.61
CA MET A 308 -19.07 17.83 -26.22
C MET A 308 -18.41 19.23 -26.31
N VAL A 309 -18.58 19.87 -27.47
CA VAL A 309 -17.85 21.14 -27.73
C VAL A 309 -18.70 22.29 -27.25
N ILE A 310 -18.12 23.10 -26.38
CA ILE A 310 -18.77 24.29 -25.88
C ILE A 310 -18.00 25.52 -26.32
N GLU A 311 -18.57 26.71 -26.15
CA GLU A 311 -17.82 27.92 -26.45
C GLU A 311 -17.59 28.70 -25.18
N ILE A 312 -16.34 29.13 -24.99
CA ILE A 312 -15.99 29.89 -23.79
C ILE A 312 -15.37 31.20 -24.23
N PRO A 313 -15.80 32.32 -23.62
CA PRO A 313 -15.26 33.65 -23.94
C PRO A 313 -13.89 33.87 -23.29
N VAL A 314 -12.90 34.39 -24.02
CA VAL A 314 -11.60 34.64 -23.36
C VAL A 314 -11.12 36.01 -23.67
N GLN A 315 -10.23 36.53 -22.82
CA GLN A 315 -9.82 37.91 -23.01
C GLN A 315 -8.96 37.85 -24.22
N GLY A 316 -9.14 38.84 -25.10
CA GLY A 316 -8.42 38.93 -26.36
C GLY A 316 -7.10 39.71 -26.28
N TRP A 317 -6.16 39.41 -27.18
CA TRP A 317 -4.85 40.04 -27.12
C TRP A 317 -4.58 40.86 -28.40
N ASP A 318 -5.61 41.13 -29.23
CA ASP A 318 -5.44 41.98 -30.41
C ASP A 318 -6.24 43.29 -30.38
N HIS A 319 -7.17 43.35 -29.41
CA HIS A 319 -8.20 44.41 -29.17
C HIS A 319 -9.55 43.75 -29.13
N GLY A 320 -10.41 44.16 -28.19
CA GLY A 320 -11.61 43.36 -27.95
C GLY A 320 -11.61 42.69 -26.59
N THR A 321 -12.56 43.08 -25.76
CA THR A 321 -12.65 42.53 -24.40
C THR A 321 -12.61 40.98 -24.34
N THR A 322 -13.36 40.29 -25.23
CA THR A 322 -13.48 38.82 -25.24
C THR A 322 -13.64 38.14 -26.63
N HIS A 323 -13.25 36.86 -26.74
CA HIS A 323 -13.48 36.11 -27.98
C HIS A 323 -13.94 34.74 -27.55
N LEU A 324 -14.87 34.14 -28.31
CA LEU A 324 -15.32 32.76 -28.06
C LEU A 324 -14.37 31.72 -28.64
N ILE A 325 -13.96 30.73 -27.87
CA ILE A 325 -13.12 29.70 -28.45
C ILE A 325 -13.75 28.39 -28.08
N ASN A 326 -13.46 27.33 -28.86
CA ASN A 326 -14.10 26.05 -28.59
C ASN A 326 -13.36 25.34 -27.48
N ALA A 327 -14.07 24.57 -26.67
CA ALA A 327 -13.43 23.72 -25.62
C ALA A 327 -14.26 22.43 -25.52
N ALA A 328 -13.69 21.34 -25.01
CA ALA A 328 -14.43 20.11 -24.89
C ALA A 328 -14.76 19.95 -23.42
N LYS A 329 -16.00 19.53 -23.11
CA LYS A 329 -16.32 19.22 -21.71
C LYS A 329 -15.52 18.03 -21.15
N LEU A 330 -15.20 18.07 -19.86
CA LEU A 330 -14.40 17.00 -19.23
C LEU A 330 -15.35 16.23 -18.30
N ASP A 331 -15.04 14.97 -17.98
CA ASP A 331 -15.98 14.09 -17.26
C ASP A 331 -15.92 14.51 -15.80
N GLU A 332 -16.98 14.24 -15.06
CA GLU A 332 -16.98 14.34 -13.59
C GLU A 332 -16.25 13.10 -13.04
N ALA A 333 -15.81 13.11 -11.78
CA ALA A 333 -15.14 11.92 -11.24
C ALA A 333 -16.13 10.78 -11.23
N ASN A 334 -15.82 9.63 -11.82
CA ASN A 334 -16.77 8.51 -11.65
C ASN A 334 -16.14 7.19 -11.16
N LEU A 335 -14.83 7.18 -10.98
CA LEU A 335 -14.08 6.00 -10.51
C LEU A 335 -14.53 5.62 -9.15
N PRO A 336 -15.39 4.60 -9.02
CA PRO A 336 -15.85 4.22 -7.67
C PRO A 336 -14.71 4.00 -6.62
N LYS A 337 -15.01 4.23 -5.34
CA LYS A 337 -13.99 4.13 -4.29
C LYS A 337 -13.30 2.77 -4.38
N GLU A 338 -14.12 1.72 -4.31
CA GLU A 338 -13.71 0.33 -4.50
C GLU A 338 -12.52 0.11 -5.44
N ILE A 339 -12.40 0.96 -6.46
CA ILE A 339 -11.24 0.98 -7.37
C ILE A 339 -10.56 2.37 -7.55
N ASN A 340 -10.53 3.15 -6.47
CA ASN A 340 -9.89 4.47 -6.56
C ASN A 340 -8.70 4.69 -5.57
N LEU A 341 -7.48 4.62 -6.07
CA LEU A 341 -6.34 4.82 -5.17
C LEU A 341 -6.32 6.24 -4.65
N VAL A 342 -6.88 7.19 -5.40
CA VAL A 342 -6.90 8.56 -4.87
C VAL A 342 -7.78 8.70 -3.62
N ASP A 343 -8.90 7.98 -3.52
CA ASP A 343 -9.75 8.03 -2.30
C ASP A 343 -8.97 7.52 -1.09
N ASP A 344 -8.19 6.48 -1.33
CA ASP A 344 -7.51 5.83 -0.22
C ASP A 344 -6.40 6.77 0.17
N TYR A 345 -5.73 7.32 -0.84
CA TYR A 345 -4.68 8.29 -0.56
C TYR A 345 -5.26 9.45 0.26
N PHE A 346 -6.43 9.93 -0.15
CA PHE A 346 -7.05 11.04 0.57
C PHE A 346 -7.33 10.73 2.03
N GLU A 347 -7.94 9.57 2.25
CA GLU A 347 -8.30 9.14 3.58
C GLU A 347 -7.04 9.03 4.46
N LEU A 348 -5.95 8.50 3.93
CA LEU A 348 -4.65 8.59 4.58
C LEU A 348 -4.22 10.03 4.89
N VAL A 349 -4.36 10.94 3.94
CA VAL A 349 -4.01 12.33 4.19
C VAL A 349 -4.79 12.87 5.39
N GLN A 350 -6.09 12.61 5.42
CA GLN A 350 -6.92 13.02 6.54
C GLN A 350 -6.48 12.45 7.91
N HIS A 351 -6.33 11.14 8.01
CA HIS A 351 -5.81 10.51 9.23
C HIS A 351 -4.49 11.13 9.67
N GLU A 352 -3.51 11.11 8.77
CA GLU A 352 -2.22 11.69 9.07
C GLU A 352 -2.29 13.19 9.40
N TYR A 353 -3.27 13.89 8.85
CA TYR A 353 -3.43 15.33 9.14
C TYR A 353 -3.99 15.61 10.54
N LYS A 354 -5.08 14.92 10.88
CA LYS A 354 -5.78 15.14 12.16
C LYS A 354 -4.77 15.03 13.29
N LYS A 355 -3.78 14.16 13.11
CA LYS A 355 -2.70 14.01 14.07
C LYS A 355 -1.77 15.23 14.17
N TRP A 356 -1.98 16.24 13.32
CA TRP A 356 -1.16 17.46 13.37
C TRP A 356 -1.84 18.68 12.78
N VAL B 5 9.68 -5.10 -6.37
CA VAL B 5 8.30 -4.99 -6.85
C VAL B 5 7.30 -5.45 -5.76
N LEU B 6 7.74 -6.33 -4.88
CA LEU B 6 6.97 -6.67 -3.67
C LEU B 6 6.99 -5.51 -2.65
N PRO B 7 6.19 -5.60 -1.58
CA PRO B 7 6.34 -4.55 -0.58
C PRO B 7 7.51 -4.81 0.38
N GLN B 8 8.39 -3.82 0.44
CA GLN B 8 9.65 -3.86 1.19
C GLN B 8 9.43 -4.23 2.66
N ALA B 9 8.21 -3.98 3.13
CA ALA B 9 7.80 -4.26 4.50
C ALA B 9 6.32 -4.68 4.46
N LEU B 10 5.80 -5.27 5.54
CA LEU B 10 4.37 -5.64 5.55
C LEU B 10 3.38 -4.49 5.41
N TYR B 11 3.55 -3.43 6.22
CA TYR B 11 2.55 -2.38 6.30
C TYR B 11 2.34 -1.73 4.91
N LEU B 12 3.38 -1.82 4.07
CA LEU B 12 3.31 -1.20 2.73
C LEU B 12 2.31 -1.88 1.77
N SER B 13 1.78 -3.03 2.20
CA SER B 13 0.88 -3.87 1.41
C SER B 13 -0.53 -3.28 1.23
N ASN B 14 -1.02 -2.57 2.25
CA ASN B 14 -2.32 -1.89 2.17
C ASN B 14 -2.39 -0.85 3.27
N MET B 15 -1.70 0.26 3.01
CA MET B 15 -1.52 1.31 3.99
C MET B 15 -2.87 1.80 4.52
N ARG B 16 -3.87 1.92 3.62
CA ARG B 16 -5.24 2.25 4.05
C ARG B 16 -5.84 1.28 5.09
N LYS B 17 -5.76 -0.02 4.83
CA LYS B 17 -6.33 -0.99 5.77
C LYS B 17 -5.61 -0.94 7.13
N ALA B 18 -4.30 -0.76 7.11
CA ALA B 18 -3.54 -0.53 8.33
C ALA B 18 -4.11 0.62 9.14
N VAL B 19 -4.37 1.77 8.51
CA VAL B 19 -4.90 2.93 9.24
C VAL B 19 -6.21 2.59 9.92
N LYS B 20 -7.10 1.93 9.17
CA LYS B 20 -8.37 1.46 9.70
C LYS B 20 -8.19 0.54 10.93
N ILE B 21 -7.33 -0.48 10.80
CA ILE B 21 -7.05 -1.37 11.96
C ILE B 21 -6.65 -0.55 13.16
N ARG B 22 -5.64 0.29 12.96
CA ARG B 22 -5.17 1.09 14.07
C ARG B 22 -6.30 1.91 14.66
N GLU B 23 -7.06 2.60 13.80
CA GLU B 23 -8.20 3.38 14.29
C GLU B 23 -9.25 2.58 15.06
N ARG B 24 -9.42 1.28 14.78
CA ARG B 24 -10.38 0.52 15.59
C ARG B 24 -9.93 0.28 17.06
N THR B 25 -8.62 0.18 17.29
CA THR B 25 -8.10 -0.24 18.59
C THR B 25 -8.45 0.66 19.79
N PRO B 26 -8.33 2.01 19.64
CA PRO B 26 -8.73 2.86 20.76
C PRO B 26 -10.20 2.68 21.14
N GLU B 27 -11.05 2.41 20.15
CA GLU B 27 -12.46 2.34 20.47
C GLU B 27 -12.85 1.06 21.20
N ASP B 28 -11.98 0.04 21.13
CA ASP B 28 -12.26 -1.26 21.74
C ASP B 28 -11.82 -1.27 23.20
N ILE B 29 -11.05 -0.26 23.59
CA ILE B 29 -10.61 -0.16 24.98
C ILE B 29 -11.74 0.30 25.89
N PHE B 30 -12.08 -0.55 26.85
CA PHE B 30 -13.04 -0.18 27.89
C PHE B 30 -12.34 0.36 29.13
N LYS B 31 -12.85 1.46 29.65
CA LYS B 31 -12.21 2.19 30.75
C LYS B 31 -13.12 2.22 31.98
N PRO B 32 -13.02 1.21 32.86
CA PRO B 32 -13.88 1.11 34.05
C PRO B 32 -13.80 2.31 34.98
N THR B 33 -14.96 2.65 35.52
CA THR B 33 -15.07 3.59 36.62
C THR B 33 -15.18 2.70 37.85
N ASN B 34 -14.10 2.69 38.64
CA ASN B 34 -13.99 2.09 39.98
C ASN B 34 -12.62 1.48 40.15
N GLY B 35 -11.71 1.76 39.23
CA GLY B 35 -10.34 1.34 39.44
C GLY B 35 -9.96 0.00 38.86
N ILE B 36 -10.92 -0.78 38.38
CA ILE B 36 -10.52 -1.97 37.63
C ILE B 36 -9.79 -1.54 36.34
N ILE B 37 -8.73 -2.28 35.98
CA ILE B 37 -7.82 -1.91 34.90
C ILE B 37 -8.51 -1.73 33.54
N HIS B 38 -8.11 -0.74 32.75
CA HIS B 38 -8.70 -0.70 31.42
C HIS B 38 -8.18 -1.87 30.54
N HIS B 39 -9.04 -2.36 29.66
CA HIS B 39 -8.82 -3.60 28.93
C HIS B 39 -9.55 -3.55 27.58
N PHE B 40 -9.18 -4.45 26.67
CA PHE B 40 -9.81 -4.49 25.35
C PHE B 40 -11.06 -5.34 25.44
N LYS B 41 -12.13 -4.88 24.80
CA LYS B 41 -13.39 -5.60 24.84
C LYS B 41 -13.34 -6.83 23.94
N THR B 42 -12.68 -6.72 22.79
CA THR B 42 -12.79 -7.79 21.80
C THR B 42 -11.53 -8.14 21.04
N MET B 43 -10.73 -7.13 20.71
CA MET B 43 -9.67 -7.29 19.72
C MET B 43 -8.47 -8.14 20.22
N HIS B 44 -8.35 -8.27 21.54
CA HIS B 44 -7.31 -9.15 22.13
C HIS B 44 -7.47 -10.60 21.72
N ARG B 45 -8.63 -10.97 21.19
CA ARG B 45 -8.86 -12.36 20.83
C ARG B 45 -8.36 -12.70 19.41
N TYR B 46 -7.78 -11.72 18.70
CA TYR B 46 -7.22 -11.96 17.34
C TYR B 46 -5.82 -12.53 17.30
N THR B 47 -5.59 -13.39 16.31
CA THR B 47 -4.28 -13.94 16.09
C THR B 47 -3.91 -14.01 14.62
N LEU B 48 -2.68 -13.60 14.31
CA LEU B 48 -2.16 -13.62 12.93
C LEU B 48 -1.34 -14.92 12.71
N GLU B 49 -1.39 -15.50 11.52
CA GLU B 49 -0.36 -16.49 11.24
C GLU B 49 0.34 -16.14 9.97
N MET B 50 1.58 -16.59 9.81
CA MET B 50 2.31 -16.29 8.59
C MET B 50 2.04 -17.29 7.49
N PHE B 51 2.07 -16.87 6.23
CA PHE B 51 1.80 -17.80 5.13
C PHE B 51 3.05 -18.55 4.77
N ARG B 52 2.85 -19.74 4.20
CA ARG B 52 3.89 -20.64 3.75
C ARG B 52 4.67 -20.09 2.54
N THR B 53 5.99 -20.28 2.47
CA THR B 53 6.73 -19.78 1.31
C THR B 53 7.40 -20.86 0.48
N CYS B 54 7.25 -22.10 0.93
CA CYS B 54 8.01 -23.21 0.33
C CYS B 54 7.57 -23.56 -1.11
N GLN B 55 6.29 -23.33 -1.43
CA GLN B 55 5.77 -23.59 -2.78
C GLN B 55 6.31 -22.59 -3.81
N PHE B 56 6.96 -21.54 -3.32
CA PHE B 56 7.61 -20.59 -4.23
C PHE B 56 9.05 -21.03 -4.58
N CYS B 57 9.73 -20.27 -5.44
CA CYS B 57 11.09 -20.65 -5.83
C CYS B 57 12.10 -19.72 -5.16
N PRO B 58 13.25 -20.27 -4.77
CA PRO B 58 14.35 -19.61 -4.06
C PRO B 58 14.55 -18.06 -4.18
N GLN B 59 14.73 -17.50 -5.37
CA GLN B 59 14.96 -16.04 -5.51
C GLN B 59 13.75 -15.23 -5.05
N PHE B 60 12.60 -15.89 -5.09
CA PHE B 60 11.29 -15.35 -4.73
C PHE B 60 11.16 -15.39 -3.18
N ARG B 61 11.38 -16.57 -2.59
CA ARG B 61 11.42 -16.71 -1.12
C ARG B 61 12.31 -15.65 -0.46
N GLU B 62 13.49 -15.47 -1.03
CA GLU B 62 14.45 -14.47 -0.56
C GLU B 62 13.80 -13.09 -0.47
N ILE B 63 13.13 -12.73 -1.56
CA ILE B 63 12.41 -11.46 -1.65
C ILE B 63 11.48 -11.40 -0.46
N ILE B 64 10.69 -12.46 -0.27
CA ILE B 64 9.67 -12.47 0.77
C ILE B 64 10.34 -12.42 2.15
N HIS B 65 11.28 -13.35 2.36
CA HIS B 65 11.96 -13.45 3.67
C HIS B 65 12.70 -12.15 3.98
N LYS B 66 13.36 -11.56 3.00
CA LYS B 66 14.02 -10.29 3.26
C LYS B 66 13.00 -9.28 3.64
N ALA B 67 11.86 -9.32 2.96
CA ALA B 67 10.80 -8.34 3.20
C ALA B 67 10.19 -8.51 4.58
N LEU B 68 9.79 -9.75 4.93
CA LEU B 68 9.02 -9.98 6.17
C LEU B 68 9.74 -10.51 7.42
N ILE B 69 10.81 -11.27 7.26
CA ILE B 69 11.26 -12.11 8.40
C ILE B 69 12.53 -11.53 9.05
N ASP B 70 12.56 -11.44 10.37
CA ASP B 70 13.81 -11.05 11.01
C ASP B 70 14.71 -12.30 11.08
N ARG B 71 15.50 -12.49 10.03
CA ARG B 71 16.32 -13.69 9.94
C ARG B 71 17.48 -13.71 10.93
N ASN B 72 17.96 -12.54 11.35
CA ASN B 72 19.05 -12.53 12.32
C ASN B 72 18.60 -13.05 13.67
N ILE B 73 17.47 -12.55 14.13
CA ILE B 73 16.97 -12.94 15.39
C ILE B 73 16.47 -14.41 15.31
N GLN B 74 15.92 -14.85 14.17
CA GLN B 74 15.40 -16.24 14.04
C GLN B 74 16.60 -17.21 14.21
N ALA B 75 17.67 -16.92 13.47
CA ALA B 75 18.88 -17.72 13.53
C ALA B 75 19.50 -17.71 14.92
N THR B 76 19.57 -16.55 15.54
CA THR B 76 20.09 -16.49 16.90
C THR B 76 19.34 -17.38 17.86
N LEU B 77 18.02 -17.23 17.92
CA LEU B 77 17.22 -17.93 18.89
C LEU B 77 17.20 -19.41 18.55
N GLU B 78 17.30 -19.75 17.27
CA GLU B 78 17.30 -21.16 16.87
C GLU B 78 18.65 -21.83 17.22
N SER B 79 19.76 -21.15 16.95
CA SER B 79 21.07 -21.72 17.27
C SER B 79 21.32 -21.93 18.79
N GLN B 80 20.71 -21.13 19.64
CA GLN B 80 20.84 -21.27 21.08
C GLN B 80 19.81 -22.29 21.62
N LYS B 81 19.06 -22.92 20.70
CA LYS B 81 18.07 -23.96 21.05
C LYS B 81 16.89 -23.50 21.89
N LYS B 82 16.48 -22.23 21.73
CA LYS B 82 15.35 -21.71 22.51
C LYS B 82 14.10 -21.66 21.63
N LEU B 83 14.32 -21.37 20.35
CA LEU B 83 13.25 -21.26 19.35
C LEU B 83 13.21 -22.51 18.47
N ASN B 84 12.02 -23.12 18.26
CA ASN B 84 11.86 -24.27 17.36
C ASN B 84 12.86 -25.40 17.67
N TRP B 85 13.03 -25.73 18.96
CA TRP B 85 13.98 -26.80 19.31
C TRP B 85 13.20 -28.14 19.23
N CYS B 86 11.88 -28.07 19.33
CA CYS B 86 11.08 -29.33 19.50
C CYS B 86 10.50 -29.84 18.17
N ARG B 87 10.85 -31.06 17.77
CA ARG B 87 10.45 -31.59 16.47
C ARG B 87 8.96 -31.85 16.34
N GLU B 88 8.26 -31.87 17.46
CA GLU B 88 6.88 -32.33 17.49
C GLU B 88 5.88 -31.20 17.21
N VAL B 89 6.31 -29.94 17.34
CA VAL B 89 5.41 -28.78 17.26
C VAL B 89 5.70 -27.94 15.98
N ARG B 90 4.77 -27.09 15.62
CA ARG B 90 4.83 -26.32 14.39
C ARG B 90 5.90 -25.23 14.50
N LYS B 91 6.51 -24.95 13.39
CA LYS B 91 7.52 -23.89 13.34
C LYS B 91 6.96 -22.49 13.62
N LEU B 92 7.66 -21.70 14.45
CA LEU B 92 7.33 -20.28 14.60
C LEU B 92 8.32 -19.39 13.84
N VAL B 93 7.88 -18.23 13.34
CA VAL B 93 8.74 -17.36 12.53
C VAL B 93 8.75 -15.93 13.07
N ALA B 94 9.91 -15.29 13.10
CA ALA B 94 10.04 -13.91 13.66
C ALA B 94 9.71 -12.87 12.59
N LEU B 95 8.80 -11.95 12.88
CA LEU B 95 8.51 -10.87 11.92
C LEU B 95 9.32 -9.64 12.27
N LYS B 96 9.76 -8.92 11.25
CA LYS B 96 10.48 -7.68 11.50
C LYS B 96 9.64 -6.71 12.30
N THR B 97 10.32 -5.94 13.14
CA THR B 97 9.66 -5.06 14.09
C THR B 97 10.56 -3.86 14.18
N ASN B 98 9.98 -2.66 14.29
CA ASN B 98 10.76 -1.42 14.38
C ASN B 98 11.43 -1.39 15.73
N GLY B 99 12.69 -0.98 15.77
CA GLY B 99 13.41 -1.07 17.02
C GLY B 99 13.61 0.32 17.51
N ASP B 100 12.52 0.96 17.91
CA ASP B 100 12.55 2.40 18.28
C ASP B 100 12.39 2.57 19.79
N GLY B 101 12.29 1.47 20.52
CA GLY B 101 12.05 1.59 21.94
C GLY B 101 10.63 1.20 22.29
N ASN B 102 9.76 1.25 21.28
CA ASN B 102 8.38 0.81 21.48
C ASN B 102 8.13 -0.60 20.94
N OCS B 103 9.20 -1.39 20.79
CA OCS B 103 9.08 -2.67 20.11
CB OCS B 103 10.44 -3.17 19.56
SG OCS B 103 11.82 -3.07 20.76
C OCS B 103 8.37 -3.75 20.92
O OCS B 103 7.90 -4.72 20.35
OD1 OCS B 103 12.05 -1.67 21.09
OD2 OCS B 103 12.98 -3.63 20.20
OD3 OCS B 103 11.45 -3.77 21.94
N LEU B 104 8.28 -3.59 22.25
CA LEU B 104 7.46 -4.52 23.00
C LEU B 104 6.05 -4.41 22.42
N MET B 105 5.59 -3.18 22.24
CA MET B 105 4.24 -2.96 21.77
C MET B 105 4.13 -3.25 20.28
N HIS B 106 5.12 -2.84 19.50
CA HIS B 106 5.06 -3.13 18.06
C HIS B 106 4.93 -4.65 17.86
N ALA B 107 5.73 -5.44 18.57
CA ALA B 107 5.65 -6.89 18.35
C ALA B 107 4.32 -7.49 18.83
N THR B 108 3.85 -7.06 20.00
CA THR B 108 2.59 -7.55 20.56
C THR B 108 1.40 -7.15 19.61
N SER B 109 1.38 -5.90 19.18
CA SER B 109 0.34 -5.43 18.23
C SER B 109 0.34 -6.24 16.93
N GLN B 110 1.54 -6.53 16.44
CA GLN B 110 1.66 -7.22 15.19
C GLN B 110 1.18 -8.67 15.36
N TYR B 111 1.44 -9.28 16.52
CA TYR B 111 1.06 -10.68 16.73
C TYR B 111 -0.46 -10.85 16.60
N MET B 112 -1.19 -9.87 17.12
CA MET B 112 -2.66 -9.94 17.16
C MET B 112 -3.29 -9.36 15.88
N TRP B 113 -2.73 -8.28 15.36
CA TRP B 113 -3.48 -7.38 14.45
C TRP B 113 -2.82 -7.17 13.10
N SER B 114 -1.57 -7.64 12.99
CA SER B 114 -0.75 -7.51 11.79
C SER B 114 -0.28 -6.05 11.53
N VAL B 115 -0.49 -5.14 12.48
CA VAL B 115 0.08 -3.77 12.40
C VAL B 115 1.00 -3.49 13.60
N GLN B 116 1.90 -2.52 13.50
CA GLN B 116 2.70 -2.17 14.70
C GLN B 116 2.00 -1.08 15.49
N ASP B 117 2.58 -0.66 16.61
CA ASP B 117 1.94 0.29 17.52
C ASP B 117 2.31 1.75 17.20
N THR B 118 2.39 2.09 15.93
CA THR B 118 2.92 3.38 15.53
C THR B 118 2.10 4.62 15.97
N ASP B 119 0.82 4.42 16.30
CA ASP B 119 -0.02 5.48 16.86
C ASP B 119 0.06 5.47 18.38
N LEU B 120 0.87 4.57 18.92
CA LEU B 120 1.14 4.57 20.36
C LEU B 120 -0.07 4.15 21.21
N VAL B 121 -1.04 3.46 20.61
CA VAL B 121 -2.22 3.09 21.38
C VAL B 121 -1.90 2.11 22.54
N LEU B 122 -1.10 1.08 22.27
CA LEU B 122 -0.73 0.17 23.37
C LEU B 122 0.19 0.87 24.34
N ARG B 123 1.18 1.62 23.82
CA ARG B 123 2.12 2.31 24.68
C ARG B 123 1.36 3.24 25.63
N LYS B 124 0.43 4.01 25.10
CA LYS B 124 -0.33 4.97 25.93
C LYS B 124 -1.21 4.28 26.97
N ALA B 125 -1.80 3.14 26.58
CA ALA B 125 -2.60 2.35 27.53
C ALA B 125 -1.78 1.85 28.75
N LEU B 126 -0.58 1.33 28.49
CA LEU B 126 0.34 0.96 29.56
C LEU B 126 0.62 2.15 30.51
N PHE B 127 1.12 3.25 29.96
CA PHE B 127 1.44 4.42 30.78
C PHE B 127 0.22 4.87 31.56
N SER B 128 -0.91 4.93 30.85
CA SER B 128 -2.22 5.27 31.42
C SER B 128 -2.51 4.47 32.70
N THR B 129 -2.42 3.14 32.61
CA THR B 129 -2.62 2.31 33.78
C THR B 129 -1.66 2.67 34.93
N LEU B 130 -0.39 2.87 34.61
CA LEU B 130 0.61 3.09 35.67
C LEU B 130 0.65 4.50 36.19
N LYS B 131 -0.13 5.42 35.62
CA LYS B 131 -0.16 6.80 36.15
C LYS B 131 -1.55 7.18 36.63
N GLU B 132 -2.54 6.98 35.76
CA GLU B 132 -3.93 7.26 36.11
C GLU B 132 -4.46 6.30 37.20
N THR B 133 -4.01 5.05 37.21
CA THR B 133 -4.40 4.11 38.29
C THR B 133 -3.39 4.06 39.47
N ASP B 134 -3.72 3.27 40.49
CA ASP B 134 -2.90 3.19 41.72
C ASP B 134 -1.85 2.07 41.71
N THR B 135 -2.19 0.92 41.11
CA THR B 135 -1.19 -0.14 40.86
C THR B 135 -0.48 -0.78 42.10
N ARG B 136 -1.15 -0.78 43.26
CA ARG B 136 -0.58 -1.35 44.48
C ARG B 136 -0.09 -2.80 44.35
N ASN B 137 -0.93 -3.68 43.83
CA ASN B 137 -0.56 -5.09 43.66
C ASN B 137 0.59 -5.30 42.66
N PHE B 138 0.66 -4.46 41.63
CA PHE B 138 1.78 -4.56 40.70
C PHE B 138 3.13 -4.29 41.39
N LYS B 139 3.20 -3.19 42.17
CA LYS B 139 4.45 -2.82 42.82
C LYS B 139 4.88 -3.92 43.78
N PHE B 140 3.93 -4.47 44.51
CA PHE B 140 4.24 -5.54 45.43
C PHE B 140 4.88 -6.72 44.70
N ARG B 141 4.24 -7.17 43.62
CA ARG B 141 4.72 -8.34 42.89
C ARG B 141 6.12 -8.09 42.33
N TRP B 142 6.37 -6.86 41.86
CA TRP B 142 7.69 -6.44 41.39
C TRP B 142 8.77 -6.46 42.52
N GLN B 143 8.43 -5.97 43.73
CA GLN B 143 9.35 -6.05 44.88
C GLN B 143 9.74 -7.47 45.18
N LEU B 144 8.73 -8.32 45.20
CA LEU B 144 8.90 -9.70 45.57
C LEU B 144 9.86 -10.36 44.59
N GLU B 145 9.66 -10.07 43.31
CA GLU B 145 10.49 -10.68 42.28
C GLU B 145 11.90 -10.10 42.34
N SER B 146 12.01 -8.81 42.66
CA SER B 146 13.32 -8.17 42.65
C SER B 146 14.17 -8.71 43.77
N LEU B 147 13.53 -9.02 44.89
CA LEU B 147 14.26 -9.48 46.06
C LEU B 147 14.62 -10.97 45.97
N LYS B 148 14.13 -11.67 44.96
CA LYS B 148 14.50 -13.08 44.78
C LYS B 148 15.97 -13.28 44.39
N SER B 149 16.57 -12.31 43.71
CA SER B 149 17.99 -12.35 43.43
C SER B 149 18.81 -12.59 44.71
N GLN B 150 19.60 -13.67 44.69
CA GLN B 150 20.44 -14.08 45.84
C GLN B 150 21.38 -12.98 46.33
N GLU B 151 21.63 -11.99 45.46
CA GLU B 151 22.44 -10.85 45.87
C GLU B 151 21.88 -9.47 45.48
N PHE B 152 22.17 -8.48 46.32
CA PHE B 152 21.86 -7.08 46.03
C PHE B 152 23.12 -6.21 46.18
N VAL B 153 23.53 -5.59 45.08
CA VAL B 153 24.62 -4.60 45.16
C VAL B 153 24.02 -3.23 45.48
N GLU B 154 24.30 -2.71 46.66
CA GLU B 154 23.73 -1.42 47.07
C GLU B 154 24.28 -0.24 46.26
N TRP B 164 16.72 1.55 47.02
CA TRP B 164 16.02 1.38 45.76
C TRP B 164 14.68 2.12 45.79
N ASN B 165 14.64 3.20 46.56
CA ASN B 165 13.41 3.94 46.83
C ASN B 165 12.78 4.53 45.58
N ASP B 166 13.62 4.83 44.60
CA ASP B 166 13.18 5.56 43.42
C ASP B 166 12.84 4.62 42.26
N GLU B 167 13.28 3.37 42.35
CA GLU B 167 13.20 2.46 41.21
C GLU B 167 11.80 2.32 40.62
N TRP B 168 10.76 2.34 41.46
CA TRP B 168 9.40 2.13 40.97
C TRP B 168 8.90 3.32 40.20
N ASP B 169 9.22 4.51 40.70
CA ASP B 169 8.75 5.75 40.08
C ASP B 169 9.26 5.88 38.63
N ASN B 170 10.53 5.51 38.42
CA ASN B 170 11.16 5.57 37.10
C ASN B 170 10.56 4.55 36.13
N LEU B 171 10.17 3.41 36.67
CA LEU B 171 9.58 2.36 35.85
C LEU B 171 8.28 2.90 35.23
N ILE B 172 7.60 3.74 35.99
CA ILE B 172 6.38 4.34 35.51
C ILE B 172 6.74 5.37 34.44
N LYS B 173 7.82 6.12 34.69
CA LYS B 173 8.28 7.15 33.76
C LYS B 173 8.70 6.50 32.43
N MET B 174 9.38 5.35 32.53
CA MET B 174 9.85 4.65 31.33
C MET B 174 8.72 4.32 30.35
N ALA B 175 7.53 4.08 30.88
CA ALA B 175 6.39 3.70 30.04
C ALA B 175 5.82 4.89 29.31
N SER B 176 6.28 6.09 29.65
CA SER B 176 5.78 7.28 28.98
C SER B 176 6.24 7.32 27.51
N THR B 177 5.59 8.18 26.72
CA THR B 177 5.92 8.34 25.31
C THR B 177 6.99 9.43 25.14
N ASP B 178 7.54 9.88 26.26
CA ASP B 178 8.58 10.91 26.24
C ASP B 178 9.93 10.42 25.66
N THR B 179 10.62 11.30 24.93
CA THR B 179 11.88 10.94 24.28
C THR B 179 12.93 10.67 25.36
N PRO B 180 13.80 9.67 25.14
CA PRO B 180 14.95 9.49 26.06
C PRO B 180 15.84 10.73 26.05
N GLY B 185 20.59 6.73 22.04
CA GLY B 185 19.26 6.38 22.50
C GLY B 185 18.21 6.49 21.41
N LEU B 186 17.15 5.68 21.55
CA LEU B 186 16.10 5.56 20.55
C LEU B 186 14.97 6.58 20.75
N GLN B 187 13.87 6.43 20.02
CA GLN B 187 12.79 7.42 20.11
C GLN B 187 12.00 7.31 21.42
N TYR B 188 11.92 6.10 21.97
CA TYR B 188 11.19 5.82 23.19
C TYR B 188 12.08 5.11 24.19
N ASN B 189 11.80 5.25 25.49
CA ASN B 189 12.48 4.44 26.48
C ASN B 189 12.15 2.97 26.28
N SER B 190 13.13 2.10 26.50
CA SER B 190 12.89 0.65 26.41
C SER B 190 12.05 0.20 27.59
N LEU B 191 11.33 -0.90 27.44
CA LEU B 191 10.51 -1.40 28.52
C LEU B 191 11.10 -2.69 29.15
N GLU B 192 10.60 -3.07 30.31
CA GLU B 192 11.13 -4.21 31.07
C GLU B 192 10.05 -5.20 31.49
N GLU B 193 10.42 -6.20 32.30
CA GLU B 193 9.50 -7.31 32.68
C GLU B 193 8.13 -6.82 33.25
N ILE B 194 8.16 -5.87 34.18
CA ILE B 194 6.91 -5.43 34.83
C ILE B 194 5.93 -4.84 33.79
N HIS B 195 6.48 -4.23 32.74
CA HIS B 195 5.64 -3.63 31.72
C HIS B 195 4.96 -4.74 30.91
N ILE B 196 5.67 -5.84 30.75
CA ILE B 196 5.07 -6.96 30.02
C ILE B 196 3.89 -7.51 30.84
N PHE B 197 4.08 -7.64 32.16
CA PHE B 197 3.05 -8.18 33.00
C PHE B 197 1.84 -7.22 33.04
N VAL B 198 2.10 -5.92 33.11
CA VAL B 198 0.95 -5.01 33.10
C VAL B 198 0.21 -5.17 31.78
N LEU B 199 0.99 -5.23 30.70
CA LEU B 199 0.41 -5.31 29.37
C LEU B 199 -0.46 -6.54 29.25
N CYS B 200 -0.01 -7.69 29.77
CA CYS B 200 -0.86 -8.89 29.63
C CYS B 200 -2.17 -8.74 30.42
N ASN B 201 -2.19 -7.93 31.48
CA ASN B 201 -3.45 -7.71 32.14
C ASN B 201 -4.39 -6.72 31.39
N ILE B 202 -3.81 -5.87 30.55
CA ILE B 202 -4.63 -4.98 29.74
C ILE B 202 -5.29 -5.78 28.62
N LEU B 203 -4.58 -6.78 28.13
CA LEU B 203 -5.08 -7.62 27.08
C LEU B 203 -5.91 -8.79 27.57
N ARG B 204 -5.94 -9.04 28.88
CA ARG B 204 -6.54 -10.28 29.39
C ARG B 204 -6.08 -11.49 28.56
N ARG B 205 -4.77 -11.54 28.29
CA ARG B 205 -4.18 -12.59 27.48
C ARG B 205 -2.69 -12.86 27.87
N PRO B 206 -2.29 -14.14 28.06
CA PRO B 206 -0.93 -14.43 28.51
C PRO B 206 0.06 -14.06 27.43
N ILE B 207 1.27 -13.67 27.82
CA ILE B 207 2.31 -13.40 26.87
C ILE B 207 3.45 -14.35 27.25
N ILE B 208 4.05 -15.01 26.27
CA ILE B 208 5.18 -15.90 26.51
C ILE B 208 6.35 -15.39 25.75
N VAL B 209 7.49 -15.16 26.43
CA VAL B 209 8.63 -14.56 25.73
C VAL B 209 9.75 -15.55 25.63
N ILE B 210 10.26 -15.83 24.43
CA ILE B 210 11.32 -16.83 24.22
C ILE B 210 12.61 -16.07 24.04
N SER B 211 13.64 -16.37 24.84
CA SER B 211 14.86 -15.62 24.76
C SER B 211 15.99 -16.51 25.27
N ASP B 212 17.21 -16.03 25.12
CA ASP B 212 18.37 -16.80 25.62
C ASP B 212 18.56 -16.96 27.13
N LYS B 213 18.28 -15.92 27.92
CA LYS B 213 18.54 -16.03 29.36
C LYS B 213 17.51 -16.95 30.01
N MET B 214 16.38 -17.11 29.32
CA MET B 214 15.41 -18.14 29.63
C MET B 214 15.80 -19.50 29.03
N LEU B 227 16.23 -7.58 32.80
CA LEU B 227 17.19 -8.23 31.90
C LEU B 227 16.84 -9.73 31.70
N LYS B 228 16.11 -10.33 32.65
CA LYS B 228 15.52 -11.69 32.50
C LYS B 228 14.07 -11.70 31.95
N VAL B 229 13.87 -11.22 30.73
CA VAL B 229 12.53 -11.03 30.18
C VAL B 229 11.92 -12.35 29.72
N GLY B 230 12.77 -13.32 29.39
CA GLY B 230 12.26 -14.64 29.03
C GLY B 230 11.25 -15.21 30.01
N GLY B 231 10.20 -15.86 29.50
CA GLY B 231 9.28 -16.60 30.35
C GLY B 231 7.83 -16.27 30.18
N ILE B 232 7.06 -16.57 31.22
CA ILE B 232 5.58 -16.58 31.11
C ILE B 232 4.88 -15.52 31.98
N TYR B 233 4.02 -14.73 31.34
CA TYR B 233 3.35 -13.60 32.00
C TYR B 233 1.84 -13.86 31.93
N LEU B 234 1.18 -14.03 33.09
CA LEU B 234 -0.23 -14.40 33.16
C LEU B 234 -1.08 -13.21 33.66
N PRO B 235 -2.28 -13.05 33.09
CA PRO B 235 -3.14 -11.91 33.51
C PRO B 235 -3.80 -12.15 34.86
N LEU B 236 -2.99 -12.24 35.89
CA LEU B 236 -3.52 -12.70 37.19
C LEU B 236 -4.47 -11.72 37.86
N HIS B 237 -4.57 -10.49 37.37
CA HIS B 237 -5.54 -9.57 37.97
C HIS B 237 -6.95 -9.85 37.47
N TRP B 238 -7.09 -10.95 36.71
CA TRP B 238 -8.37 -11.38 36.18
C TRP B 238 -8.58 -12.86 36.45
N PRO B 239 -9.82 -13.29 36.69
CA PRO B 239 -9.98 -14.74 36.76
C PRO B 239 -9.83 -15.29 35.36
N ALA B 240 -9.28 -16.49 35.24
CA ALA B 240 -8.99 -17.03 33.91
C ALA B 240 -10.24 -17.08 33.04
N GLN B 241 -11.39 -17.19 33.70
CA GLN B 241 -12.68 -17.23 33.02
C GLN B 241 -12.95 -15.99 32.18
N GLU B 242 -12.34 -14.87 32.56
CA GLU B 242 -12.53 -13.65 31.80
C GLU B 242 -11.38 -13.36 30.78
N CYS B 243 -10.50 -14.33 30.58
CA CYS B 243 -9.32 -14.17 29.67
C CYS B 243 -9.30 -15.08 28.43
N TYR B 244 -8.57 -14.66 27.40
CA TYR B 244 -8.33 -15.48 26.22
C TYR B 244 -7.23 -16.47 26.61
N ARG B 245 -7.46 -17.74 26.35
CA ARG B 245 -6.53 -18.75 26.84
C ARG B 245 -5.45 -19.19 25.84
N TYR B 246 -5.30 -18.49 24.72
CA TYR B 246 -4.14 -18.73 23.86
C TYR B 246 -3.13 -17.59 24.05
N PRO B 247 -1.82 -17.91 24.10
CA PRO B 247 -0.86 -16.84 24.43
C PRO B 247 -0.54 -15.99 23.21
N ILE B 248 0.02 -14.81 23.46
CA ILE B 248 0.82 -14.06 22.51
C ILE B 248 2.24 -14.60 22.69
N VAL B 249 2.92 -14.93 21.58
CA VAL B 249 4.33 -15.38 21.69
C VAL B 249 5.35 -14.41 21.10
N LEU B 250 6.31 -13.96 21.92
CA LEU B 250 7.31 -13.01 21.41
C LEU B 250 8.71 -13.61 21.51
N GLY B 251 9.62 -13.11 20.68
CA GLY B 251 11.01 -13.48 20.76
C GLY B 251 11.77 -12.25 21.25
N TYR B 252 12.82 -12.45 22.03
CA TYR B 252 13.61 -11.31 22.54
C TYR B 252 15.08 -11.60 22.43
N ASP B 253 15.83 -10.70 21.79
CA ASP B 253 17.29 -10.80 21.72
C ASP B 253 17.87 -9.42 21.48
N SER B 254 19.03 -9.15 22.11
CA SER B 254 19.78 -7.89 21.94
C SER B 254 18.89 -6.68 22.11
N HIS B 255 18.13 -6.64 23.21
CA HIS B 255 17.22 -5.55 23.50
C HIS B 255 16.08 -5.37 22.50
N HIS B 256 15.70 -6.42 21.77
CA HIS B 256 14.71 -6.22 20.71
C HIS B 256 13.63 -7.26 20.79
N PHE B 257 12.37 -6.86 20.78
CA PHE B 257 11.26 -7.83 20.73
C PHE B 257 10.76 -7.97 19.28
N VAL B 258 10.31 -9.18 18.93
CA VAL B 258 9.65 -9.50 17.65
C VAL B 258 8.51 -10.48 17.97
N PRO B 259 7.47 -10.51 17.13
CA PRO B 259 6.45 -11.55 17.35
C PRO B 259 6.92 -12.86 16.77
N LEU B 260 6.60 -13.99 17.41
CA LEU B 260 6.96 -15.30 16.84
C LEU B 260 5.69 -15.99 16.40
N VAL B 261 5.30 -15.82 15.12
CA VAL B 261 3.96 -16.25 14.74
C VAL B 261 4.02 -17.59 14.13
N THR B 262 2.96 -18.38 14.29
N THR B 262 2.90 -18.30 14.24
CA THR B 262 3.04 -19.71 13.73
CA THR B 262 2.83 -19.64 13.68
C THR B 262 2.89 -19.67 12.25
C THR B 262 2.81 -19.67 12.17
N LEU B 263 3.56 -20.61 11.61
CA LEU B 263 3.57 -20.69 10.17
C LEU B 263 2.37 -21.49 9.77
N LYS B 264 1.68 -21.07 8.74
CA LYS B 264 0.39 -21.68 8.49
C LYS B 264 0.53 -23.07 7.89
N ASP B 265 -0.62 -23.76 7.75
CA ASP B 265 -0.79 -25.14 7.22
C ASP B 265 0.41 -26.09 7.37
N SER B 266 0.95 -26.13 8.58
CA SER B 266 2.19 -26.85 8.90
C SER B 266 2.00 -28.19 9.70
N GLY B 267 0.79 -28.79 9.63
CA GLY B 267 0.55 -30.16 10.10
C GLY B 267 1.43 -31.15 9.39
N PRO B 268 1.62 -32.35 9.98
CA PRO B 268 0.85 -32.77 11.13
C PRO B 268 1.41 -32.26 12.45
N GLU B 269 2.48 -31.45 12.51
CA GLU B 269 3.01 -31.01 13.83
C GLU B 269 1.99 -30.26 14.66
N ILE B 270 2.18 -30.38 15.96
CA ILE B 270 1.29 -29.85 16.96
C ILE B 270 1.24 -28.34 17.06
N ARG B 271 0.06 -27.74 17.01
CA ARG B 271 -0.04 -26.32 17.13
C ARG B 271 0.11 -25.86 18.64
N ALA B 272 1.35 -25.75 19.13
CA ALA B 272 1.56 -25.50 20.56
C ALA B 272 3.00 -25.03 20.78
N VAL B 273 3.26 -24.35 21.90
CA VAL B 273 4.62 -23.94 22.19
C VAL B 273 5.04 -24.65 23.51
N PRO B 274 6.22 -25.23 23.55
CA PRO B 274 6.54 -25.99 24.79
C PRO B 274 6.73 -25.10 26.00
N LEU B 275 6.36 -25.57 27.20
CA LEU B 275 6.51 -24.75 28.41
C LEU B 275 7.80 -25.16 29.17
N VAL B 276 8.72 -25.82 28.48
CA VAL B 276 10.05 -26.16 29.03
C VAL B 276 11.03 -26.05 27.88
N ASN B 277 12.32 -26.16 28.18
CA ASN B 277 13.40 -26.20 27.19
C ASN B 277 14.33 -27.30 27.64
N ARG B 278 15.15 -27.83 26.75
CA ARG B 278 16.16 -28.80 27.14
C ARG B 278 17.24 -27.92 27.74
N ASP B 279 17.81 -28.37 28.86
CA ASP B 279 18.94 -27.65 29.44
C ASP B 279 19.86 -28.68 30.05
N ARG B 280 21.06 -28.82 29.49
CA ARG B 280 22.08 -29.72 30.05
C ARG B 280 21.57 -31.15 30.34
N GLY B 281 20.73 -31.66 29.45
CA GLY B 281 20.25 -33.02 29.50
C GLY B 281 19.02 -33.20 30.35
N ARG B 282 18.38 -32.11 30.74
CA ARG B 282 17.06 -32.30 31.33
C ARG B 282 16.11 -31.24 30.81
N PHE B 283 14.84 -31.34 31.18
CA PHE B 283 13.84 -30.32 30.79
C PHE B 283 13.66 -29.34 31.96
N GLU B 284 13.69 -28.06 31.64
CA GLU B 284 13.62 -27.03 32.70
C GLU B 284 12.43 -26.18 32.35
N ASP B 285 11.61 -25.92 33.34
CA ASP B 285 10.40 -25.12 33.17
C ASP B 285 10.73 -23.69 32.78
N LEU B 286 9.94 -23.07 31.90
CA LEU B 286 10.06 -21.63 31.68
CA LEU B 286 10.05 -21.64 31.67
C LEU B 286 9.71 -20.90 32.97
N LYS B 287 10.39 -19.78 33.25
CA LYS B 287 10.08 -18.93 34.43
C LYS B 287 8.64 -18.42 34.33
N VAL B 288 7.88 -18.40 35.41
CA VAL B 288 6.55 -17.71 35.47
C VAL B 288 6.76 -16.43 36.32
N HIS B 289 6.48 -15.26 35.75
CA HIS B 289 6.86 -14.01 36.42
C HIS B 289 5.88 -13.49 37.40
N PHE B 290 6.41 -12.82 38.43
CA PHE B 290 5.64 -12.00 39.36
C PHE B 290 4.57 -12.73 40.20
N LEU B 291 4.74 -14.04 40.42
CA LEU B 291 3.82 -14.80 41.32
C LEU B 291 4.05 -14.47 42.78
N THR B 292 2.97 -14.47 43.56
CA THR B 292 3.07 -14.38 45.03
C THR B 292 3.51 -15.76 45.51
N ASP B 293 3.93 -15.87 46.76
CA ASP B 293 4.25 -17.18 47.35
C ASP B 293 3.12 -18.24 47.19
N PRO B 294 1.88 -17.91 47.61
CA PRO B 294 0.81 -18.89 47.42
C PRO B 294 0.57 -19.23 45.94
N GLU B 295 0.78 -18.28 45.03
CA GLU B 295 0.60 -18.61 43.60
C GLU B 295 1.70 -19.54 43.14
N ASN B 296 2.91 -19.26 43.62
CA ASN B 296 4.05 -20.08 43.22
C ASN B 296 3.90 -21.53 43.65
N GLU B 297 3.26 -21.74 44.78
CA GLU B 297 3.08 -23.09 45.29
C GLU B 297 2.16 -23.92 44.38
N MET B 298 1.44 -23.25 43.48
CA MET B 298 0.47 -23.92 42.63
C MET B 298 0.62 -23.52 41.19
N LYS B 299 1.87 -23.33 40.80
CA LYS B 299 2.23 -22.82 39.51
C LYS B 299 1.62 -23.67 38.38
N GLU B 300 1.65 -24.99 38.54
CA GLU B 300 1.10 -25.87 37.50
C GLU B 300 -0.41 -25.67 37.35
N LYS B 301 -1.10 -25.60 38.48
CA LYS B 301 -2.52 -25.32 38.42
C LYS B 301 -2.80 -23.96 37.76
N LEU B 302 -2.01 -22.92 38.03
CA LEU B 302 -2.29 -21.64 37.36
C LEU B 302 -2.09 -21.70 35.86
N LEU B 303 -1.00 -22.33 35.43
CA LEU B 303 -0.67 -22.54 34.01
C LEU B 303 -1.85 -23.23 33.32
N LYS B 304 -2.44 -24.21 33.99
CA LYS B 304 -3.54 -24.92 33.36
C LYS B 304 -4.83 -24.11 33.32
N GLU B 305 -5.01 -23.15 34.22
CA GLU B 305 -6.18 -22.28 34.14
C GLU B 305 -6.05 -21.23 33.03
N TYR B 306 -4.85 -20.70 32.82
CA TYR B 306 -4.72 -19.49 31.99
C TYR B 306 -4.31 -19.83 30.55
N LEU B 307 -3.85 -21.06 30.35
CA LEU B 307 -3.44 -21.56 29.03
C LEU B 307 -4.18 -22.87 28.81
N MET B 308 -4.09 -23.42 27.61
CA MET B 308 -4.61 -24.75 27.32
C MET B 308 -3.44 -25.67 27.28
N VAL B 309 -3.21 -26.35 28.38
CA VAL B 309 -2.03 -27.17 28.54
C VAL B 309 -2.25 -28.60 28.05
N ILE B 310 -1.30 -29.11 27.26
CA ILE B 310 -1.42 -30.47 26.77
C ILE B 310 -0.09 -31.14 27.09
N GLU B 311 -0.17 -32.44 27.35
CA GLU B 311 1.01 -33.23 27.74
C GLU B 311 1.48 -34.09 26.54
N ILE B 312 2.61 -33.75 25.95
CA ILE B 312 2.98 -34.37 24.69
C ILE B 312 4.31 -35.15 24.81
N PRO B 313 4.47 -36.24 24.02
CA PRO B 313 5.72 -37.06 24.08
C PRO B 313 6.78 -36.45 23.14
N VAL B 314 8.01 -36.35 23.62
CA VAL B 314 9.19 -35.93 22.83
C VAL B 314 10.38 -36.88 23.03
N GLN B 315 11.29 -36.88 22.05
CA GLN B 315 12.37 -37.85 22.11
C GLN B 315 13.28 -37.51 23.33
N GLY B 316 13.84 -38.52 23.95
CA GLY B 316 14.84 -38.30 25.00
C GLY B 316 16.30 -38.19 24.50
N TRP B 317 17.23 -37.98 25.43
CA TRP B 317 18.69 -38.02 25.12
C TRP B 317 19.19 -39.43 24.88
N ASP B 318 18.52 -40.39 25.51
CA ASP B 318 18.69 -41.78 25.17
C ASP B 318 17.75 -42.00 24.06
N HIS B 319 18.25 -42.48 22.94
CA HIS B 319 17.32 -42.64 21.82
C HIS B 319 16.26 -43.74 22.13
N GLY B 320 16.49 -44.52 23.19
CA GLY B 320 15.52 -45.51 23.64
C GLY B 320 14.50 -45.06 24.67
N THR B 321 14.39 -43.76 24.90
CA THR B 321 13.45 -43.22 25.88
C THR B 321 12.60 -42.05 25.33
N THR B 322 11.32 -41.94 25.76
CA THR B 322 10.47 -40.82 25.38
C THR B 322 10.03 -40.11 26.65
N HIS B 323 9.83 -38.80 26.60
CA HIS B 323 9.48 -38.08 27.82
C HIS B 323 8.19 -37.34 27.61
N LEU B 324 7.40 -37.16 28.65
CA LEU B 324 6.17 -36.31 28.47
C LEU B 324 6.45 -34.87 28.94
N ILE B 325 6.11 -33.87 28.13
CA ILE B 325 6.27 -32.51 28.61
C ILE B 325 5.02 -31.68 28.41
N ASN B 326 4.90 -30.60 29.19
CA ASN B 326 3.80 -29.65 28.95
C ASN B 326 4.02 -28.65 27.84
N ALA B 327 2.94 -28.36 27.10
CA ALA B 327 2.99 -27.35 26.02
C ALA B 327 1.68 -26.58 26.03
N ALA B 328 1.68 -25.35 25.51
CA ALA B 328 0.42 -24.61 25.53
C ALA B 328 -0.07 -24.49 24.08
N LYS B 329 -1.34 -24.80 23.81
CA LYS B 329 -1.91 -24.67 22.46
C LYS B 329 -1.76 -23.24 22.02
N LEU B 330 -1.49 -23.06 20.72
CA LEU B 330 -1.41 -21.74 20.09
C LEU B 330 -2.69 -21.57 19.28
N ASP B 331 -3.10 -20.32 19.06
CA ASP B 331 -4.40 -20.07 18.46
C ASP B 331 -4.33 -20.34 16.96
N GLU B 332 -5.46 -20.58 16.30
CA GLU B 332 -5.48 -20.62 14.83
C GLU B 332 -5.62 -19.18 14.28
N ALA B 333 -5.16 -18.91 13.05
CA ALA B 333 -5.37 -17.59 12.42
C ALA B 333 -6.84 -17.27 12.33
N ASN B 334 -7.25 -16.19 12.98
CA ASN B 334 -8.65 -15.79 12.91
C ASN B 334 -8.83 -14.30 12.60
N LEU B 335 -7.76 -13.60 12.32
CA LEU B 335 -7.83 -12.18 11.99
C LEU B 335 -8.51 -12.12 10.63
N PRO B 336 -9.73 -11.54 10.55
CA PRO B 336 -10.39 -11.42 9.23
C PRO B 336 -9.61 -10.65 8.13
N LYS B 337 -9.87 -10.99 6.87
CA LYS B 337 -9.23 -10.31 5.75
C LYS B 337 -9.35 -8.78 5.89
N GLU B 338 -10.58 -8.30 6.09
CA GLU B 338 -10.86 -6.86 6.25
C GLU B 338 -9.88 -6.14 7.17
N ILE B 339 -9.30 -6.88 8.13
CA ILE B 339 -8.28 -6.30 8.97
C ILE B 339 -7.04 -7.17 9.02
N ASN B 340 -6.63 -7.74 7.87
CA ASN B 340 -5.41 -8.54 7.81
C ASN B 340 -4.34 -8.20 6.74
N LEU B 341 -3.34 -7.40 7.09
CA LEU B 341 -2.29 -7.05 6.12
C LEU B 341 -1.57 -8.26 5.51
N VAL B 342 -1.45 -9.34 6.27
CA VAL B 342 -0.84 -10.53 5.73
C VAL B 342 -1.61 -11.18 4.53
N ASP B 343 -2.95 -11.31 4.61
CA ASP B 343 -3.72 -11.81 3.44
C ASP B 343 -3.56 -10.93 2.20
N ASP B 344 -3.54 -9.62 2.39
CA ASP B 344 -3.30 -8.75 1.25
C ASP B 344 -1.89 -8.95 0.74
N TYR B 345 -0.91 -9.02 1.63
CA TYR B 345 0.47 -9.33 1.22
C TYR B 345 0.48 -10.60 0.38
N PHE B 346 -0.23 -11.61 0.85
CA PHE B 346 -0.27 -12.89 0.15
C PHE B 346 -0.83 -12.78 -1.28
N GLU B 347 -1.93 -12.07 -1.44
CA GLU B 347 -2.46 -11.91 -2.81
C GLU B 347 -1.54 -11.12 -3.69
N LEU B 348 -0.90 -10.10 -3.13
CA LEU B 348 0.17 -9.41 -3.86
C LEU B 348 1.17 -10.44 -4.35
N VAL B 349 1.63 -11.30 -3.45
CA VAL B 349 2.56 -12.36 -3.78
C VAL B 349 2.07 -13.32 -4.88
N GLN B 350 0.85 -13.82 -4.74
CA GLN B 350 0.26 -14.68 -5.77
C GLN B 350 0.15 -14.00 -7.13
N HIS B 351 -0.25 -12.73 -7.18
CA HIS B 351 -0.36 -12.01 -8.47
C HIS B 351 1.03 -11.91 -9.07
N GLU B 352 2.02 -11.59 -8.25
CA GLU B 352 3.40 -11.46 -8.73
C GLU B 352 4.03 -12.80 -9.15
N TYR B 353 3.82 -13.85 -8.38
CA TYR B 353 4.34 -15.15 -8.77
C TYR B 353 3.91 -15.59 -10.18
N LYS B 354 2.64 -15.42 -10.55
CA LYS B 354 2.18 -15.81 -11.89
C LYS B 354 2.96 -15.10 -13.00
N LYS B 355 3.36 -13.86 -12.76
CA LYS B 355 4.16 -13.11 -13.73
C LYS B 355 5.55 -13.73 -13.84
N TRP B 356 6.00 -14.34 -12.74
CA TRP B 356 7.31 -14.96 -12.66
C TRP B 356 7.30 -16.42 -13.18
N GLN B 357 6.14 -16.92 -13.55
CA GLN B 357 6.00 -18.30 -14.00
C GLN B 357 5.58 -18.34 -15.47
CL CL C . 20.65 -30.86 26.23
CL CL D . 12.11 -32.77 20.18
CL CL E . 16.58 -39.65 28.13
#